data_3SUQ
#
_entry.id   3SUQ
#
_cell.length_a   76.005
_cell.length_b   121.596
_cell.length_c   125.196
_cell.angle_alpha   90.00
_cell.angle_beta   90.00
_cell.angle_gamma   90.00
#
_symmetry.space_group_name_H-M   'P 21 21 21'
#
loop_
_entity.id
_entity.type
_entity.pdbx_description
1 polymer 'DNA polymerase'
2 polymer "5'-D(P*CP*(2PR)P*TP*AP*AP*TP*TP*AP*AP*TP*TP*AP*AP*TP*TP*G)-3'"
3 polymer "5'-D(*AP*AP*TP*TP*AP*AP*TP*TP*AP*AP*TP*TP*(2DA))-3'"
4 non-polymer "2'-DEOXYCYTIDINE-5'-TRIPHOSPHATE"
5 non-polymer 'CALCIUM ION'
#
loop_
_entity_poly.entity_id
_entity_poly.type
_entity_poly.pdbx_seq_one_letter_code
_entity_poly.pdbx_strand_id
1 'polypeptide(L)'
;MKEFYLTVEQIGDSIFERYIDSNGRERTREVEYKPSLFAHCPESQATKYFDIYGKPCTRKLFANMRDASQWIKRMEDIGL
EALGMDDFKLAYLSDTYNYEIKYDHTKIRVANFDIEVTSPDGFPEPSQAKHPIDAITHYDSIDDRFYVFDLLNSPYGNVE
EWSIEIAAKLQEQGGDEVPSEIIDKIIYMPFDNEKELLMEYLNFWQQKTPVILTGWNVESFAIPYVYNRIKNIFGESTAK
RLSPHRKTRVKVIENMYGSREIITLFGISVLDYIDLYKKFSFTNQPSYSLDYISEFELNVGKLKYDGPISKLRESNHQRY
ISYNIIAVYRVLQIDAKRQFINLSLDMGYYAKIQIQSVFSPIKTWDAIIFNSLKEQNKVIPQGRSHPVQPYPGAFVKEPI
PNRYKYVMSFDLTSLYPSIIRQVNISPETIAGTFKVAPLHDYINAVAERPSDVYSCSPNGMMYYKDRDGVVPTEITKVFN
QRKEHKGYMLAAQRNGEIIKEALHNPNLSVDEPLDVDYRFDFSDEIKEKIKKLSAKSLNEMLFRAQRTEVAGMTAQINRK
LLINSLAGALGNVWFRYYDLRNATAITTFGQMALQWIERKVNEYLNEVCGTEGEAFVLYGDTDSIYVSADKIIDKVGESK
FRDTNHWVDFLDKFARERMEPAIDRGFREMCEYMNNKQHLMFMDREAIAGPPLGSKGIGGFWTGKKRYALNVWDMEGTRY
AEPKLKIMGLETQKSSTPKAVQKALKECIRRMLQEGEESLQEYFKEFEKEFRQLNYISIASVSSANNIAKYDVGGFPGPK
CPFHIRGILTYNRAIKGNIDAPQVVEGEKVYVLPLREGNPFGDKCIAWPSGTEITDLIKDDVLHWMDYTVLLEKTFIKPL
EGFTSAAKLDYEKKASL
;
A
2 'polydeoxyribonucleotide' (DC)(2PR)(DT)(DA)(DA)(DT)(DT)(DA)(DA)(DT)(DT)(DA)(DA)(DT)(DT)(DG) T
3 'polydeoxyribonucleotide' (DA)(DA)(DT)(DT)(DA)(DA)(DT)(DT)(DA)(DA)(DT)(DT)(2DA) P
#
# COMPACT_ATOMS: atom_id res chain seq x y z
N MET A 1 -23.18 24.16 -10.13
CA MET A 1 -22.57 22.83 -9.77
C MET A 1 -23.60 21.86 -9.20
N LYS A 2 -23.34 20.56 -9.39
CA LYS A 2 -24.20 19.48 -8.91
C LYS A 2 -24.00 19.17 -7.43
N GLU A 3 -25.04 18.67 -6.79
CA GLU A 3 -25.02 18.36 -5.37
C GLU A 3 -24.24 17.08 -5.08
N PHE A 4 -23.60 17.02 -3.91
CA PHE A 4 -22.93 15.81 -3.44
C PHE A 4 -22.95 15.66 -1.91
N TYR A 5 -23.00 14.40 -1.45
CA TYR A 5 -23.00 14.09 -0.02
C TYR A 5 -21.62 14.22 0.58
N LEU A 6 -21.55 14.23 1.91
CA LEU A 6 -20.27 14.27 2.61
C LEU A 6 -20.11 13.04 3.50
N THR A 7 -21.07 12.85 4.42
CA THR A 7 -21.11 11.66 5.27
C THR A 7 -22.54 11.15 5.40
N VAL A 8 -22.68 9.83 5.47
CA VAL A 8 -24.00 9.20 5.61
C VAL A 8 -24.00 8.12 6.70
N GLU A 9 -24.99 8.19 7.59
CA GLU A 9 -25.15 7.22 8.67
C GLU A 9 -26.62 6.80 8.78
N GLN A 10 -26.88 5.67 9.43
CA GLN A 10 -28.26 5.26 9.74
C GLN A 10 -28.47 5.20 11.25
N ILE A 11 -29.45 5.96 11.73
CA ILE A 11 -29.84 5.94 13.14
C ILE A 11 -31.33 5.65 13.22
N GLY A 12 -31.65 4.41 13.59
CA GLY A 12 -33.03 3.94 13.60
C GLY A 12 -33.56 3.80 12.19
N ASP A 13 -34.80 4.22 11.98
CA ASP A 13 -35.41 4.22 10.65
C ASP A 13 -35.18 5.54 9.93
N SER A 14 -34.12 6.25 10.35
CA SER A 14 -33.77 7.55 9.81
C SER A 14 -32.32 7.59 9.35
N ILE A 15 -32.13 8.13 8.14
CA ILE A 15 -30.79 8.34 7.58
C ILE A 15 -30.35 9.78 7.87
N PHE A 16 -29.18 9.91 8.48
CA PHE A 16 -28.58 11.22 8.74
C PHE A 16 -27.47 11.53 7.71
N GLU A 17 -27.72 12.50 6.84
CA GLU A 17 -26.81 12.84 5.74
C GLU A 17 -26.36 14.30 5.75
N ARG A 18 -25.06 14.51 5.87
CA ARG A 18 -24.45 15.83 5.71
C ARG A 18 -24.05 15.99 4.26
N TYR A 19 -24.44 17.08 3.62
CA TYR A 19 -24.19 17.23 2.18
C TYR A 19 -23.81 18.64 1.71
N ILE A 20 -23.53 18.73 0.41
CA ILE A 20 -23.23 19.98 -0.29
C ILE A 20 -24.30 20.22 -1.35
N ASP A 21 -25.00 21.35 -1.25
CA ASP A 21 -26.09 21.70 -2.16
C ASP A 21 -25.60 22.19 -3.53
N SER A 22 -26.53 22.63 -4.37
CA SER A 22 -26.21 23.04 -5.73
C SER A 22 -25.49 24.40 -5.80
N ASN A 23 -25.72 25.24 -4.79
CA ASN A 23 -25.01 26.52 -4.68
C ASN A 23 -23.59 26.31 -4.15
N GLY A 24 -23.44 25.38 -3.21
CA GLY A 24 -22.15 24.99 -2.68
C GLY A 24 -21.96 25.25 -1.19
N ARG A 25 -23.04 25.05 -0.42
CA ARG A 25 -22.98 25.26 1.04
C ARG A 25 -23.23 23.96 1.81
N GLU A 26 -22.70 23.91 3.04
CA GLU A 26 -22.82 22.71 3.88
C GLU A 26 -24.19 22.62 4.54
N ARG A 27 -24.87 21.50 4.30
CA ARG A 27 -26.17 21.26 4.91
C ARG A 27 -26.27 19.85 5.49
N THR A 28 -27.00 19.73 6.60
CA THR A 28 -27.25 18.45 7.25
C THR A 28 -28.74 18.15 7.15
N ARG A 29 -29.09 16.90 6.89
CA ARG A 29 -30.50 16.49 6.88
C ARG A 29 -30.77 15.14 7.53
N GLU A 30 -32.06 14.84 7.70
CA GLU A 30 -32.53 13.64 8.35
C GLU A 30 -33.74 13.14 7.55
N VAL A 31 -33.59 12.00 6.90
CA VAL A 31 -34.63 11.49 6.00
C VAL A 31 -35.22 10.17 6.52
N GLU A 32 -36.56 10.08 6.53
CA GLU A 32 -37.25 8.84 6.86
C GLU A 32 -37.30 7.96 5.62
N TYR A 33 -36.15 7.40 5.26
CA TYR A 33 -35.99 6.63 4.02
C TYR A 33 -36.87 5.39 4.00
N LYS A 34 -37.55 5.20 2.88
CA LYS A 34 -38.40 4.04 2.64
C LYS A 34 -37.62 3.10 1.71
N PRO A 35 -36.98 2.06 2.30
CA PRO A 35 -36.17 1.15 1.49
C PRO A 35 -37.01 0.08 0.81
N SER A 36 -36.63 -0.31 -0.40
CA SER A 36 -37.31 -1.38 -1.10
C SER A 36 -36.41 -2.60 -1.22
N LEU A 37 -36.95 -3.78 -0.92
CA LEU A 37 -36.26 -5.05 -1.14
C LEU A 37 -37.06 -5.91 -2.13
N PHE A 38 -36.47 -7.01 -2.55
CA PHE A 38 -37.07 -7.83 -3.60
C PHE A 38 -37.23 -9.30 -3.22
N ALA A 39 -38.12 -9.97 -3.94
CA ALA A 39 -38.32 -11.41 -3.80
C ALA A 39 -38.80 -11.98 -5.13
N HIS A 40 -38.49 -13.25 -5.39
CA HIS A 40 -38.96 -13.92 -6.60
C HIS A 40 -40.49 -14.09 -6.56
N CYS A 41 -41.12 -13.98 -7.73
CA CYS A 41 -42.58 -14.06 -7.84
C CYS A 41 -43.00 -14.98 -8.99
N PRO A 42 -44.30 -15.36 -9.05
CA PRO A 42 -44.86 -16.18 -10.13
C PRO A 42 -44.33 -15.83 -11.53
N GLU A 43 -44.11 -16.87 -12.33
CA GLU A 43 -43.63 -16.74 -13.71
C GLU A 43 -44.44 -15.71 -14.49
N SER A 44 -45.74 -15.97 -14.62
CA SER A 44 -46.65 -15.10 -15.35
C SER A 44 -47.08 -13.90 -14.52
N GLN A 45 -46.22 -12.89 -14.47
CA GLN A 45 -46.52 -11.64 -13.77
C GLN A 45 -45.68 -10.50 -14.35
N ALA A 46 -46.36 -9.57 -15.02
CA ALA A 46 -45.72 -8.45 -15.68
C ALA A 46 -45.15 -7.43 -14.68
N THR A 47 -43.82 -7.40 -14.59
CA THR A 47 -43.10 -6.40 -13.80
C THR A 47 -41.82 -5.99 -14.53
N LYS A 48 -41.20 -4.89 -14.10
CA LYS A 48 -40.00 -4.37 -14.76
C LYS A 48 -38.67 -4.79 -14.09
N TYR A 49 -38.74 -5.66 -13.09
CA TYR A 49 -37.56 -6.08 -12.33
C TYR A 49 -37.16 -7.54 -12.57
N PHE A 50 -35.85 -7.77 -12.63
CA PHE A 50 -35.27 -9.10 -12.78
C PHE A 50 -34.03 -9.23 -11.91
N ASP A 51 -33.74 -10.44 -11.45
CA ASP A 51 -32.47 -10.69 -10.75
C ASP A 51 -31.34 -10.80 -11.77
N ILE A 52 -30.11 -10.90 -11.30
CA ILE A 52 -28.95 -10.93 -12.19
C ILE A 52 -28.93 -12.13 -13.14
N TYR A 53 -29.59 -13.21 -12.72
CA TYR A 53 -29.67 -14.44 -13.52
C TYR A 53 -30.81 -14.40 -14.55
N GLY A 54 -31.65 -13.37 -14.47
CA GLY A 54 -32.72 -13.16 -15.45
C GLY A 54 -34.13 -13.41 -14.95
N LYS A 55 -34.26 -14.09 -13.81
CA LYS A 55 -35.57 -14.43 -13.22
C LYS A 55 -36.29 -13.20 -12.65
N PRO A 56 -37.64 -13.15 -12.79
CA PRO A 56 -38.40 -11.96 -12.36
C PRO A 56 -38.46 -11.77 -10.85
N CYS A 57 -38.56 -10.51 -10.43
CA CYS A 57 -38.66 -10.14 -9.02
C CYS A 57 -39.80 -9.16 -8.78
N THR A 58 -40.49 -9.35 -7.67
CA THR A 58 -41.53 -8.40 -7.25
C THR A 58 -40.96 -7.45 -6.19
N ARG A 59 -41.29 -6.17 -6.32
CA ARG A 59 -40.76 -5.14 -5.42
C ARG A 59 -41.58 -5.04 -4.14
N LYS A 60 -40.90 -4.99 -3.01
CA LYS A 60 -41.55 -4.78 -1.72
C LYS A 60 -41.01 -3.51 -1.06
N LEU A 61 -41.74 -2.40 -1.23
CA LEU A 61 -41.39 -1.13 -0.61
C LEU A 61 -41.83 -1.12 0.84
N PHE A 62 -40.89 -0.81 1.74
CA PHE A 62 -41.15 -0.83 3.17
C PHE A 62 -41.38 0.56 3.75
N ALA A 63 -42.31 0.65 4.70
CA ALA A 63 -42.69 1.91 5.34
C ALA A 63 -41.55 2.51 6.17
N ASN A 64 -40.72 1.65 6.77
CA ASN A 64 -39.51 2.08 7.45
C ASN A 64 -38.39 1.04 7.36
N MET A 65 -37.20 1.43 7.81
CA MET A 65 -36.01 0.59 7.68
C MET A 65 -35.94 -0.60 8.65
N ARG A 66 -36.71 -0.55 9.75
CA ARG A 66 -36.85 -1.72 10.62
C ARG A 66 -37.73 -2.78 9.97
N ASP A 67 -38.78 -2.32 9.29
CA ASP A 67 -39.69 -3.21 8.56
C ASP A 67 -38.95 -4.00 7.48
N ALA A 68 -37.94 -3.36 6.88
CA ALA A 68 -37.09 -4.00 5.88
C ALA A 68 -36.10 -4.97 6.53
N SER A 69 -35.65 -4.63 7.73
CA SER A 69 -34.74 -5.48 8.50
C SER A 69 -35.47 -6.72 9.02
N GLN A 70 -36.62 -6.50 9.65
CA GLN A 70 -37.50 -7.56 10.14
C GLN A 70 -37.78 -8.58 9.05
N TRP A 71 -38.07 -8.06 7.86
CA TRP A 71 -38.48 -8.86 6.70
C TRP A 71 -37.43 -9.90 6.30
N ILE A 72 -36.15 -9.52 6.34
CA ILE A 72 -35.05 -10.42 5.98
C ILE A 72 -34.92 -11.55 7.00
N LYS A 73 -35.10 -11.23 8.28
CA LYS A 73 -35.06 -12.20 9.37
C LYS A 73 -36.10 -13.30 9.14
N ARG A 74 -37.31 -12.88 8.78
CA ARG A 74 -38.40 -13.80 8.47
C ARG A 74 -38.11 -14.64 7.24
N MET A 75 -37.56 -14.01 6.20
CA MET A 75 -37.23 -14.70 4.95
C MET A 75 -36.21 -15.82 5.12
N GLU A 76 -35.34 -15.69 6.13
CA GLU A 76 -34.26 -16.65 6.36
C GLU A 76 -34.76 -18.01 6.88
N ASP A 77 -35.41 -18.00 8.04
CA ASP A 77 -35.90 -19.24 8.66
C ASP A 77 -37.07 -19.88 7.92
N ILE A 78 -37.73 -19.10 7.06
CA ILE A 78 -38.73 -19.61 6.13
C ILE A 78 -38.04 -20.30 4.95
N GLY A 79 -36.88 -19.77 4.55
CA GLY A 79 -36.02 -20.44 3.58
C GLY A 79 -35.98 -19.82 2.20
N LEU A 80 -36.49 -18.60 2.08
CA LEU A 80 -36.52 -17.90 0.80
C LEU A 80 -35.41 -16.86 0.68
N GLU A 81 -35.15 -16.43 -0.54
CA GLU A 81 -34.12 -15.44 -0.82
C GLU A 81 -34.68 -14.01 -0.74
N ALA A 82 -34.06 -13.20 0.11
CA ALA A 82 -34.40 -11.78 0.24
C ALA A 82 -33.39 -10.94 -0.53
N LEU A 83 -33.72 -10.64 -1.79
CA LEU A 83 -32.80 -9.91 -2.68
C LEU A 83 -32.88 -8.40 -2.49
N GLY A 84 -31.80 -7.71 -2.85
CA GLY A 84 -31.75 -6.25 -2.72
C GLY A 84 -30.69 -5.78 -1.74
N MET A 85 -30.42 -4.48 -1.75
CA MET A 85 -29.37 -3.90 -0.91
C MET A 85 -29.81 -3.80 0.55
N ASP A 86 -29.22 -4.67 1.38
CA ASP A 86 -29.57 -4.74 2.80
C ASP A 86 -28.77 -3.76 3.66
N ASP A 87 -27.68 -3.25 3.12
CA ASP A 87 -26.95 -2.14 3.73
C ASP A 87 -27.61 -0.84 3.25
N PHE A 88 -28.65 -0.44 3.97
CA PHE A 88 -29.64 0.53 3.49
C PHE A 88 -29.11 1.91 3.12
N LYS A 89 -28.13 2.41 3.87
CA LYS A 89 -27.57 3.72 3.56
C LYS A 89 -27.07 3.82 2.12
N LEU A 90 -26.49 2.73 1.61
CA LEU A 90 -26.04 2.68 0.21
C LEU A 90 -27.19 2.83 -0.79
N ALA A 91 -28.36 2.30 -0.43
CA ALA A 91 -29.56 2.40 -1.26
C ALA A 91 -30.12 3.82 -1.25
N TYR A 92 -29.78 4.59 -0.22
CA TYR A 92 -30.15 6.00 -0.14
C TYR A 92 -29.29 6.83 -1.08
N LEU A 93 -27.99 6.56 -1.07
CA LEU A 93 -27.02 7.29 -1.89
C LEU A 93 -27.19 6.99 -3.37
N SER A 94 -27.70 5.80 -3.68
CA SER A 94 -27.93 5.39 -5.06
C SER A 94 -29.13 6.10 -5.66
N ASP A 95 -30.10 6.46 -4.81
CA ASP A 95 -31.26 7.21 -5.22
C ASP A 95 -30.97 8.71 -5.25
N THR A 96 -30.63 9.26 -4.08
CA THR A 96 -30.38 10.70 -3.92
C THR A 96 -29.29 11.21 -4.85
N TYR A 97 -28.49 10.28 -5.40
CA TYR A 97 -27.45 10.60 -6.36
C TYR A 97 -27.46 9.58 -7.48
N ASN A 98 -28.46 9.73 -8.36
CA ASN A 98 -28.70 8.78 -9.45
C ASN A 98 -27.74 8.97 -10.63
N TYR A 99 -26.73 9.82 -10.42
CA TYR A 99 -25.79 10.21 -11.46
C TYR A 99 -24.34 10.04 -11.01
N GLU A 100 -23.40 10.28 -11.92
CA GLU A 100 -21.98 10.21 -11.59
C GLU A 100 -21.55 11.48 -10.86
N ILE A 101 -21.15 11.32 -9.59
CA ILE A 101 -20.82 12.42 -8.71
C ILE A 101 -19.56 13.17 -9.14
N LYS A 102 -19.61 14.50 -9.05
CA LYS A 102 -18.44 15.35 -9.25
C LYS A 102 -18.28 16.25 -8.02
N TYR A 103 -17.37 15.86 -7.13
CA TYR A 103 -17.15 16.58 -5.87
C TYR A 103 -16.15 17.73 -6.04
N ASP A 104 -16.23 18.70 -5.13
CA ASP A 104 -15.30 19.83 -5.10
C ASP A 104 -14.61 19.86 -3.74
N HIS A 105 -13.42 19.27 -3.69
CA HIS A 105 -12.72 19.03 -2.42
C HIS A 105 -12.58 20.27 -1.52
N THR A 106 -12.50 21.44 -2.14
CA THR A 106 -12.38 22.70 -1.40
C THR A 106 -13.55 22.91 -0.44
N LYS A 107 -14.70 22.35 -0.80
CA LYS A 107 -15.92 22.42 0.02
C LYS A 107 -15.88 21.40 1.17
N ILE A 108 -15.20 20.29 0.95
CA ILE A 108 -15.07 19.23 1.95
C ILE A 108 -14.12 19.66 3.05
N ARG A 109 -14.63 19.82 4.26
CA ARG A 109 -13.79 20.15 5.41
C ARG A 109 -12.98 18.94 5.87
N VAL A 110 -11.74 18.86 5.41
CA VAL A 110 -10.78 17.88 5.91
C VAL A 110 -10.03 18.52 7.09
N ALA A 111 -10.04 17.82 8.21
CA ALA A 111 -9.30 18.28 9.37
C ALA A 111 -8.45 17.15 9.91
N ASN A 112 -7.20 17.47 10.22
CA ASN A 112 -6.36 16.53 10.94
C ASN A 112 -5.65 17.15 12.15
N PHE A 113 -5.60 16.39 13.24
CA PHE A 113 -5.09 16.89 14.51
C PHE A 113 -4.20 15.89 15.24
N ASP A 114 -3.73 16.32 16.41
CA ASP A 114 -2.92 15.49 17.28
C ASP A 114 -2.94 16.11 18.66
N ILE A 115 -2.79 15.28 19.69
CA ILE A 115 -2.75 15.78 21.06
C ILE A 115 -1.46 15.38 21.76
N GLU A 116 -1.19 15.99 22.91
CA GLU A 116 -0.06 15.62 23.75
C GLU A 116 -0.51 15.41 25.19
N VAL A 117 -0.11 14.29 25.78
CA VAL A 117 -0.49 13.95 27.16
C VAL A 117 0.75 13.57 27.97
N THR A 118 0.97 14.29 29.07
CA THR A 118 2.12 14.06 29.93
C THR A 118 1.76 13.01 30.99
N SER A 119 2.49 11.89 30.99
CA SER A 119 2.19 10.77 31.91
C SER A 119 3.42 10.19 32.61
N PRO A 120 3.58 10.49 33.92
CA PRO A 120 4.74 10.07 34.71
C PRO A 120 4.49 8.81 35.55
N ASP A 121 3.68 7.90 35.01
CA ASP A 121 3.47 6.58 35.62
C ASP A 121 3.30 5.50 34.54
N GLY A 122 3.85 5.76 33.36
CA GLY A 122 3.78 4.82 32.24
C GLY A 122 3.08 5.42 31.03
N PHE A 123 2.77 4.55 30.07
CA PHE A 123 2.07 4.96 28.86
C PHE A 123 0.58 5.25 29.14
N PRO A 124 0.14 6.49 28.84
CA PRO A 124 -1.25 6.92 29.11
C PRO A 124 -2.28 6.19 28.25
N GLU A 125 -2.92 5.18 28.84
CA GLU A 125 -3.96 4.41 28.15
C GLU A 125 -5.23 5.22 27.96
N PRO A 126 -5.68 5.37 26.70
CA PRO A 126 -6.87 6.14 26.33
C PRO A 126 -8.17 5.65 26.97
N SER A 127 -8.22 4.36 27.32
CA SER A 127 -9.41 3.79 27.97
C SER A 127 -9.64 4.33 29.39
N GLN A 128 -8.55 4.58 30.11
CA GLN A 128 -8.64 5.18 31.45
C GLN A 128 -8.67 6.70 31.32
N ALA A 129 -7.75 7.24 30.50
CA ALA A 129 -7.58 8.68 30.29
C ALA A 129 -7.69 9.46 31.60
N LYS A 130 -6.83 9.11 32.55
CA LYS A 130 -6.83 9.71 33.88
C LYS A 130 -5.86 10.89 33.99
N HIS A 131 -5.19 11.20 32.88
CA HIS A 131 -4.17 12.24 32.82
C HIS A 131 -4.62 13.43 31.97
N PRO A 132 -4.11 14.65 32.26
CA PRO A 132 -4.55 15.85 31.55
C PRO A 132 -4.01 15.96 30.13
N ILE A 133 -4.84 16.51 29.25
CA ILE A 133 -4.44 16.85 27.88
C ILE A 133 -3.82 18.25 27.91
N ASP A 134 -2.51 18.33 27.69
CA ASP A 134 -1.82 19.62 27.77
C ASP A 134 -1.42 20.23 26.43
N ALA A 135 -1.95 19.66 25.34
CA ALA A 135 -1.82 20.25 24.00
C ALA A 135 -2.73 19.60 22.97
N ILE A 136 -3.21 20.40 22.00
CA ILE A 136 -3.89 19.93 20.80
C ILE A 136 -3.56 20.87 19.64
N THR A 137 -3.16 20.31 18.50
CA THR A 137 -3.00 21.09 17.27
C THR A 137 -3.94 20.54 16.21
N HIS A 138 -4.73 21.44 15.60
CA HIS A 138 -5.87 21.05 14.80
C HIS A 138 -5.94 21.91 13.53
N TYR A 139 -5.52 21.34 12.41
CA TYR A 139 -5.54 22.01 11.11
C TYR A 139 -6.94 21.94 10.49
N ASP A 140 -7.23 22.84 9.54
CA ASP A 140 -8.49 22.83 8.79
C ASP A 140 -8.20 23.01 7.29
N SER A 141 -8.91 22.28 6.44
CA SER A 141 -8.69 22.36 4.98
C SER A 141 -9.17 23.67 4.35
N ILE A 142 -10.33 24.17 4.81
CA ILE A 142 -10.93 25.37 4.22
C ILE A 142 -10.38 26.65 4.85
N ASP A 143 -10.07 26.61 6.14
CA ASP A 143 -9.43 27.74 6.81
C ASP A 143 -7.96 27.88 6.42
N ASP A 144 -7.30 26.74 6.21
CA ASP A 144 -5.85 26.67 5.96
C ASP A 144 -5.10 27.19 7.19
N ARG A 145 -5.56 26.78 8.37
CA ARG A 145 -5.04 27.33 9.64
C ARG A 145 -4.76 26.28 10.70
N PHE A 146 -3.69 26.51 11.45
CA PHE A 146 -3.25 25.62 12.52
C PHE A 146 -3.73 26.15 13.85
N TYR A 147 -4.72 25.46 14.41
CA TYR A 147 -5.30 25.87 15.69
C TYR A 147 -4.63 25.16 16.86
N VAL A 148 -3.69 25.87 17.49
CA VAL A 148 -2.91 25.37 18.61
C VAL A 148 -3.57 25.70 19.95
N PHE A 149 -3.72 24.67 20.79
CA PHE A 149 -4.31 24.82 22.11
C PHE A 149 -3.26 24.45 23.16
N ASP A 150 -2.75 25.44 23.88
CA ASP A 150 -1.68 25.23 24.84
C ASP A 150 -2.18 25.32 26.29
N LEU A 151 -1.87 24.30 27.08
CA LEU A 151 -2.15 24.33 28.51
C LEU A 151 -0.91 24.80 29.27
N LEU A 152 -1.08 25.87 30.04
CA LEU A 152 0.04 26.50 30.75
C LEU A 152 0.15 26.00 32.19
N ASN A 153 -0.98 25.59 32.75
CA ASN A 153 -1.01 25.13 34.13
C ASN A 153 -1.59 23.72 34.26
N SER A 154 -0.85 22.88 34.99
CA SER A 154 -1.18 21.48 35.17
C SER A 154 -0.47 20.96 36.43
N PRO A 155 -1.04 19.93 37.08
CA PRO A 155 -0.35 19.37 38.25
C PRO A 155 0.85 18.48 37.88
N TYR A 156 1.42 18.67 36.69
CA TYR A 156 2.71 18.08 36.35
C TYR A 156 3.72 19.16 35.95
N GLY A 157 3.39 20.42 36.27
CA GLY A 157 4.26 21.55 35.99
C GLY A 157 3.54 22.78 35.48
N ASN A 158 4.09 23.95 35.77
CA ASN A 158 3.56 25.21 35.28
C ASN A 158 4.57 25.92 34.38
N VAL A 159 4.16 26.15 33.13
CA VAL A 159 5.11 26.50 32.07
C VAL A 159 4.81 27.80 31.34
N GLU A 160 5.87 28.57 31.08
CA GLU A 160 5.79 29.83 30.34
C GLU A 160 5.22 29.59 28.95
N GLU A 161 4.42 30.53 28.48
CA GLU A 161 3.77 30.44 27.15
C GLU A 161 4.78 30.19 26.02
N TRP A 162 4.30 29.53 24.98
CA TRP A 162 5.13 29.12 23.84
C TRP A 162 5.43 30.30 22.91
N SER A 163 6.72 30.50 22.64
CA SER A 163 7.16 31.62 21.80
C SER A 163 7.12 31.27 20.32
N ILE A 164 6.32 32.01 19.57
CA ILE A 164 6.26 31.83 18.11
C ILE A 164 7.50 32.40 17.42
N GLU A 165 8.22 33.27 18.13
CA GLU A 165 9.46 33.85 17.63
C GLU A 165 10.60 32.82 17.68
N ILE A 166 10.72 32.12 18.82
CA ILE A 166 11.71 31.05 18.97
C ILE A 166 11.37 29.86 18.06
N ALA A 167 10.08 29.60 17.92
CA ALA A 167 9.57 28.52 17.07
C ALA A 167 10.10 28.61 15.65
N ALA A 168 10.14 29.81 15.10
CA ALA A 168 10.59 30.03 13.72
C ALA A 168 12.09 29.87 13.55
N LYS A 169 12.87 30.22 14.57
CA LYS A 169 14.35 30.13 14.54
C LYS A 169 14.80 28.70 14.24
N LEU A 170 15.96 28.57 13.60
CA LEU A 170 16.50 27.26 13.24
C LEU A 170 16.98 26.48 14.47
N GLN A 171 17.01 25.15 14.33
CA GLN A 171 17.49 24.24 15.38
C GLN A 171 18.90 24.63 15.86
N GLU A 172 19.79 24.82 14.88
CA GLU A 172 21.18 25.24 15.12
C GLU A 172 21.30 26.62 15.78
N GLN A 173 20.21 27.40 15.76
CA GLN A 173 20.20 28.74 16.35
C GLN A 173 19.72 28.72 17.79
N GLY A 174 19.01 27.64 18.15
CA GLY A 174 18.41 27.50 19.47
C GLY A 174 16.90 27.40 19.41
N GLY A 175 16.36 27.46 18.18
CA GLY A 175 14.93 27.40 17.93
C GLY A 175 14.43 26.00 17.57
N ASP A 176 13.19 25.93 17.12
CA ASP A 176 12.53 24.64 16.89
C ASP A 176 12.31 24.33 15.41
N GLU A 177 12.45 25.36 14.57
CA GLU A 177 12.47 25.21 13.12
C GLU A 177 11.12 24.79 12.52
N VAL A 178 10.05 25.43 12.96
CA VAL A 178 8.74 25.20 12.38
C VAL A 178 8.70 25.83 11.00
N PRO A 179 8.56 25.01 9.93
CA PRO A 179 8.65 25.48 8.54
C PRO A 179 7.93 26.81 8.31
N SER A 180 8.69 27.81 7.82
CA SER A 180 8.23 29.19 7.75
C SER A 180 6.94 29.41 6.94
N GLU A 181 6.63 28.48 6.04
CA GLU A 181 5.43 28.59 5.21
C GLU A 181 4.13 28.51 6.01
N ILE A 182 4.16 27.78 7.12
CA ILE A 182 2.96 27.63 7.95
C ILE A 182 2.96 28.55 9.17
N ILE A 183 4.07 29.25 9.40
CA ILE A 183 4.23 30.06 10.60
C ILE A 183 3.18 31.18 10.68
N ASP A 184 2.86 31.78 9.54
CA ASP A 184 1.81 32.77 9.44
C ASP A 184 0.43 32.14 9.57
N LYS A 185 0.36 30.82 9.44
CA LYS A 185 -0.92 30.09 9.47
C LYS A 185 -1.28 29.48 10.83
N ILE A 186 -0.39 29.64 11.81
CA ILE A 186 -0.66 29.18 13.17
C ILE A 186 -1.53 30.22 13.89
N ILE A 187 -2.56 29.76 14.59
CA ILE A 187 -3.41 30.63 15.41
C ILE A 187 -3.44 30.16 16.87
N TYR A 188 -2.46 30.62 17.63
CA TYR A 188 -2.14 30.12 18.97
C TYR A 188 -3.19 30.45 20.02
N MET A 189 -3.52 29.47 20.85
CA MET A 189 -4.51 29.64 21.93
C MET A 189 -4.09 28.99 23.25
N PRO A 190 -3.46 29.76 24.15
CA PRO A 190 -3.11 29.26 25.49
C PRO A 190 -4.29 29.32 26.44
N PHE A 191 -4.24 28.55 27.53
CA PHE A 191 -5.35 28.48 28.49
C PHE A 191 -4.93 28.45 29.96
N ASP A 192 -5.76 29.05 30.81
CA ASP A 192 -5.58 29.05 32.27
C ASP A 192 -5.60 27.64 32.89
N ASN A 193 -6.71 26.92 32.70
CA ASN A 193 -6.85 25.56 33.22
C ASN A 193 -7.42 24.57 32.18
N GLU A 194 -7.42 23.28 32.53
CA GLU A 194 -7.77 22.20 31.58
C GLU A 194 -9.18 22.30 30.99
N LYS A 195 -10.16 22.54 31.85
CA LYS A 195 -11.57 22.54 31.45
C LYS A 195 -11.92 23.55 30.36
N GLU A 196 -11.47 24.79 30.53
CA GLU A 196 -11.83 25.89 29.63
C GLU A 196 -11.22 25.78 28.22
N LEU A 197 -10.15 24.99 28.10
CA LEU A 197 -9.56 24.66 26.81
C LEU A 197 -10.51 23.77 26.02
N LEU A 198 -11.01 22.74 26.68
CA LEU A 198 -11.85 21.71 26.06
C LEU A 198 -13.20 22.27 25.58
N MET A 199 -13.78 23.18 26.37
CA MET A 199 -15.05 23.82 26.03
C MET A 199 -14.97 24.60 24.72
N GLU A 200 -13.89 25.36 24.55
CA GLU A 200 -13.66 26.14 23.33
C GLU A 200 -13.46 25.23 22.11
N TYR A 201 -12.63 24.21 22.27
CA TYR A 201 -12.34 23.26 21.20
C TYR A 201 -13.63 22.63 20.66
N LEU A 202 -14.58 22.36 21.55
CA LEU A 202 -15.86 21.77 21.18
C LEU A 202 -16.73 22.74 20.39
N ASN A 203 -16.73 24.02 20.79
CA ASN A 203 -17.42 25.07 20.05
C ASN A 203 -16.85 25.19 18.65
N PHE A 204 -15.54 25.16 18.56
CA PHE A 204 -14.82 25.15 17.30
C PHE A 204 -15.14 23.90 16.49
N TRP A 205 -15.26 22.78 17.20
CA TRP A 205 -15.63 21.52 16.59
C TRP A 205 -17.04 21.59 15.99
N GLN A 206 -17.95 22.26 16.70
CA GLN A 206 -19.31 22.46 16.19
C GLN A 206 -19.34 23.42 15.00
N GLN A 207 -18.78 24.62 15.19
CA GLN A 207 -18.70 25.63 14.14
C GLN A 207 -18.00 25.09 12.90
N LYS A 208 -16.99 24.25 13.11
CA LYS A 208 -16.22 23.67 12.02
C LYS A 208 -16.08 22.16 12.18
N THR A 209 -17.21 21.47 12.16
CA THR A 209 -17.26 20.01 12.26
C THR A 209 -16.66 19.39 11.00
N PRO A 210 -15.64 18.52 11.18
CA PRO A 210 -14.95 17.86 10.07
C PRO A 210 -15.83 16.89 9.27
N VAL A 211 -15.48 16.69 8.02
CA VAL A 211 -16.12 15.68 7.19
C VAL A 211 -15.18 14.49 7.04
N ILE A 212 -13.92 14.78 6.74
CA ILE A 212 -12.86 13.79 6.79
C ILE A 212 -11.96 14.16 7.97
N LEU A 213 -11.78 13.21 8.88
CA LEU A 213 -10.87 13.41 10.01
C LEU A 213 -9.67 12.47 9.91
N THR A 214 -8.47 13.03 10.05
CA THR A 214 -7.24 12.22 9.94
C THR A 214 -6.15 12.63 10.94
N GLY A 215 -4.93 12.13 10.72
CA GLY A 215 -3.79 12.34 11.62
C GLY A 215 -3.00 11.05 11.80
N TRP A 216 -2.04 11.08 12.73
CA TRP A 216 -1.21 9.90 13.01
C TRP A 216 -1.64 9.16 14.28
N ASN A 217 -2.15 7.94 14.10
CA ASN A 217 -2.69 7.13 15.19
C ASN A 217 -3.87 7.75 15.94
N VAL A 218 -4.58 8.65 15.26
CA VAL A 218 -5.71 9.37 15.85
C VAL A 218 -6.85 8.44 16.27
N GLU A 219 -6.95 7.28 15.62
CA GLU A 219 -8.01 6.32 15.90
C GLU A 219 -7.71 5.46 17.13
N SER A 220 -6.43 5.20 17.35
CA SER A 220 -6.01 4.35 18.47
C SER A 220 -5.45 5.15 19.65
N PHE A 221 -5.25 6.45 19.45
CA PHE A 221 -4.85 7.33 20.55
C PHE A 221 -5.71 8.60 20.71
N ALA A 222 -5.60 9.51 19.74
CA ALA A 222 -6.18 10.85 19.87
C ALA A 222 -7.67 10.86 20.18
N ILE A 223 -8.50 10.47 19.20
CA ILE A 223 -9.95 10.42 19.37
C ILE A 223 -10.38 9.63 20.62
N PRO A 224 -9.84 8.40 20.80
CA PRO A 224 -10.10 7.67 22.03
C PRO A 224 -9.83 8.49 23.28
N TYR A 225 -8.73 9.23 23.31
CA TYR A 225 -8.34 9.99 24.49
C TYR A 225 -9.19 11.24 24.68
N VAL A 226 -9.41 11.99 23.61
CA VAL A 226 -10.24 13.20 23.66
C VAL A 226 -11.61 12.85 24.23
N TYR A 227 -12.27 11.85 23.62
CA TYR A 227 -13.58 11.39 24.05
C TYR A 227 -13.59 10.95 25.52
N ASN A 228 -12.57 10.20 25.93
CA ASN A 228 -12.50 9.63 27.27
C ASN A 228 -12.18 10.60 28.39
N ARG A 229 -11.35 11.60 28.09
CA ARG A 229 -11.04 12.64 29.07
C ARG A 229 -12.25 13.55 29.27
N ILE A 230 -12.97 13.83 28.18
CA ILE A 230 -14.21 14.60 28.27
C ILE A 230 -15.29 13.82 29.02
N LYS A 231 -15.31 12.49 28.83
CA LYS A 231 -16.21 11.60 29.58
C LYS A 231 -15.95 11.71 31.08
N ASN A 232 -14.68 11.84 31.47
CA ASN A 232 -14.28 11.96 32.86
C ASN A 232 -14.56 13.34 33.48
N ILE A 233 -14.74 14.35 32.62
CA ILE A 233 -14.90 15.73 33.08
C ILE A 233 -16.31 16.29 32.84
N PHE A 234 -16.75 16.28 31.58
CA PHE A 234 -18.03 16.90 31.19
C PHE A 234 -19.20 15.93 31.15
N GLY A 235 -18.90 14.64 31.20
CA GLY A 235 -19.93 13.60 31.13
C GLY A 235 -19.90 12.87 29.81
N GLU A 236 -20.79 11.90 29.66
CA GLU A 236 -20.85 11.08 28.46
C GLU A 236 -21.61 11.78 27.33
N SER A 237 -22.73 12.42 27.67
CA SER A 237 -23.60 13.07 26.68
C SER A 237 -23.00 14.37 26.14
N THR A 238 -22.13 14.98 26.92
CA THR A 238 -21.40 16.18 26.49
C THR A 238 -20.22 15.75 25.61
N ALA A 239 -19.66 14.58 25.90
CA ALA A 239 -18.63 13.97 25.06
C ALA A 239 -19.22 13.46 23.75
N LYS A 240 -20.48 13.07 23.78
CA LYS A 240 -21.23 12.65 22.60
C LYS A 240 -21.38 13.78 21.57
N ARG A 241 -20.97 14.99 21.94
CA ARG A 241 -21.07 16.16 21.06
C ARG A 241 -20.01 16.16 19.95
N LEU A 242 -19.03 15.27 20.08
CA LEU A 242 -17.99 15.10 19.06
C LEU A 242 -18.58 14.58 17.75
N SER A 243 -19.58 13.73 17.85
CA SER A 243 -20.42 13.37 16.73
C SER A 243 -21.36 14.54 16.48
N PRO A 244 -21.48 15.00 15.21
CA PRO A 244 -22.43 16.06 14.90
C PRO A 244 -23.88 15.58 14.93
N HIS A 245 -24.09 14.34 15.34
CA HIS A 245 -25.42 13.75 15.47
C HIS A 245 -25.67 13.25 16.90
N ARG A 246 -24.67 13.40 17.75
CA ARG A 246 -24.71 13.01 19.17
C ARG A 246 -24.48 11.51 19.42
N LYS A 247 -24.70 10.66 18.42
CA LYS A 247 -24.54 9.22 18.57
C LYS A 247 -23.09 8.76 18.41
N THR A 248 -22.65 7.90 19.33
CA THR A 248 -21.29 7.33 19.31
C THR A 248 -21.26 5.90 19.83
N ARG A 249 -20.38 5.08 19.25
CA ARG A 249 -20.22 3.69 19.66
C ARG A 249 -18.81 3.42 20.20
N VAL A 250 -18.70 2.50 21.16
CA VAL A 250 -17.40 2.12 21.74
C VAL A 250 -17.10 0.64 21.50
N LYS A 251 -15.95 0.36 20.88
CA LYS A 251 -15.48 -1.01 20.61
C LYS A 251 -14.24 -1.33 21.44
N VAL A 252 -14.39 -2.25 22.40
CA VAL A 252 -13.27 -2.63 23.29
C VAL A 252 -12.56 -3.89 22.78
N ILE A 253 -11.23 -3.88 22.82
CA ILE A 253 -10.41 -4.98 22.30
C ILE A 253 -9.83 -5.86 23.42
N GLU A 254 -10.28 -7.13 23.45
CA GLU A 254 -9.84 -8.16 24.40
C GLU A 254 -9.66 -7.62 25.85
N ASN A 255 -8.47 -7.69 26.47
CA ASN A 255 -7.27 -8.41 26.04
C ASN A 255 -6.53 -8.98 27.26
N MET A 256 -7.12 -10.02 27.86
CA MET A 256 -6.58 -10.68 29.07
C MET A 256 -6.56 -9.77 30.30
N TYR A 257 -5.78 -8.69 30.21
CA TYR A 257 -5.68 -7.69 31.28
C TYR A 257 -5.73 -6.27 30.73
N GLY A 258 -5.11 -6.07 29.56
CA GLY A 258 -5.04 -4.75 28.93
C GLY A 258 -6.25 -4.40 28.09
N SER A 259 -6.81 -3.22 28.32
CA SER A 259 -8.02 -2.78 27.64
C SER A 259 -7.79 -1.56 26.74
N ARG A 260 -7.92 -1.77 25.43
CA ARG A 260 -7.84 -0.69 24.44
C ARG A 260 -9.14 -0.60 23.65
N GLU A 261 -9.60 0.61 23.38
CA GLU A 261 -10.88 0.81 22.69
C GLU A 261 -10.86 1.79 21.52
N ILE A 262 -11.70 1.53 20.52
CA ILE A 262 -11.85 2.37 19.34
C ILE A 262 -13.25 2.99 19.30
N ILE A 263 -13.31 4.32 19.39
CA ILE A 263 -14.56 5.07 19.41
C ILE A 263 -15.03 5.40 18.00
N THR A 264 -16.33 5.26 17.76
CA THR A 264 -16.92 5.57 16.45
C THR A 264 -17.87 6.77 16.54
N LEU A 265 -17.38 7.94 16.13
CA LEU A 265 -18.21 9.15 16.07
C LEU A 265 -19.05 9.10 14.80
N PHE A 266 -20.37 9.10 14.96
CA PHE A 266 -21.29 9.02 13.82
C PHE A 266 -21.40 10.37 13.12
N GLY A 267 -21.22 10.36 11.81
CA GLY A 267 -21.35 11.58 11.00
C GLY A 267 -20.02 12.19 10.60
N ILE A 268 -18.93 11.52 10.94
CA ILE A 268 -17.58 11.92 10.53
C ILE A 268 -16.83 10.72 9.96
N SER A 269 -16.47 10.80 8.69
CA SER A 269 -15.67 9.74 8.05
C SER A 269 -14.23 9.85 8.54
N VAL A 270 -13.81 8.86 9.33
CA VAL A 270 -12.45 8.87 9.88
C VAL A 270 -11.52 7.96 9.10
N LEU A 271 -10.45 8.55 8.58
CA LEU A 271 -9.41 7.82 7.88
C LEU A 271 -8.10 8.14 8.58
N ASP A 272 -7.67 7.25 9.48
CA ASP A 272 -6.40 7.42 10.19
C ASP A 272 -5.26 7.24 9.21
N TYR A 273 -4.33 8.20 9.18
CA TYR A 273 -3.31 8.20 8.14
C TYR A 273 -2.42 6.96 8.17
N ILE A 274 -2.05 6.52 9.38
CA ILE A 274 -1.25 5.30 9.52
C ILE A 274 -1.89 4.14 8.77
N ASP A 275 -3.21 3.99 8.89
CA ASP A 275 -3.96 2.97 8.14
C ASP A 275 -3.83 3.21 6.64
N LEU A 276 -4.25 4.40 6.21
CA LEU A 276 -4.12 4.87 4.83
C LEU A 276 -2.77 4.50 4.23
N TYR A 277 -1.70 4.81 4.97
CA TYR A 277 -0.34 4.54 4.55
C TYR A 277 -0.13 3.05 4.28
N LYS A 278 -0.31 2.21 5.30
CA LYS A 278 -0.12 0.77 5.16
C LYS A 278 -0.88 0.22 3.95
N LYS A 279 -2.10 0.73 3.77
CA LYS A 279 -2.98 0.28 2.72
C LYS A 279 -2.46 0.70 1.34
N PHE A 280 -2.28 1.99 1.16
CA PHE A 280 -2.04 2.53 -0.18
C PHE A 280 -0.58 2.75 -0.57
N SER A 281 0.32 2.83 0.40
CA SER A 281 1.72 3.20 0.14
C SER A 281 2.49 2.14 -0.65
N PHE A 282 2.18 0.87 -0.39
CA PHE A 282 2.95 -0.26 -0.93
C PHE A 282 4.39 -0.29 -0.40
N THR A 283 4.56 0.09 0.85
CA THR A 283 5.85 -0.04 1.54
C THR A 283 5.66 -0.74 2.89
N ASN A 284 6.42 -1.81 3.12
CA ASN A 284 6.46 -2.44 4.44
C ASN A 284 7.64 -1.91 5.24
N GLN A 285 7.32 -1.09 6.23
CA GLN A 285 8.33 -0.37 6.99
C GLN A 285 8.82 -1.15 8.21
N PRO A 286 10.06 -0.89 8.65
CA PRO A 286 10.56 -1.42 9.92
C PRO A 286 9.84 -0.78 11.10
N SER A 287 9.65 0.53 11.03
CA SER A 287 8.98 1.26 12.10
C SER A 287 7.85 2.10 11.52
N TYR A 288 6.80 2.30 12.33
CA TYR A 288 5.70 3.15 11.93
C TYR A 288 5.50 4.29 12.90
N SER A 289 6.61 4.79 13.44
CA SER A 289 6.60 6.01 14.22
C SER A 289 6.57 7.16 13.24
N LEU A 290 5.90 8.25 13.61
CA LEU A 290 5.76 9.39 12.70
C LEU A 290 7.11 9.94 12.29
N ASP A 291 8.05 9.96 13.23
CA ASP A 291 9.43 10.36 12.96
C ASP A 291 10.07 9.58 11.81
N TYR A 292 10.02 8.25 11.91
CA TYR A 292 10.67 7.38 10.93
C TYR A 292 10.07 7.52 9.53
N ILE A 293 8.75 7.66 9.46
CA ILE A 293 8.05 7.73 8.18
C ILE A 293 8.38 9.04 7.47
N SER A 294 8.36 10.13 8.23
CA SER A 294 8.70 11.46 7.70
C SER A 294 10.13 11.50 7.17
N GLU A 295 11.06 10.94 7.94
CA GLU A 295 12.43 10.74 7.48
C GLU A 295 12.44 10.04 6.12
N PHE A 296 11.66 8.97 5.98
CA PHE A 296 11.65 8.14 4.79
C PHE A 296 10.98 8.84 3.58
N GLU A 297 9.82 9.46 3.82
CA GLU A 297 9.02 10.07 2.76
C GLU A 297 9.46 11.48 2.40
N LEU A 298 10.17 12.15 3.31
CA LEU A 298 10.48 13.57 3.16
C LEU A 298 11.95 13.94 3.42
N ASN A 299 12.77 12.97 3.79
CA ASN A 299 14.19 13.20 4.11
C ASN A 299 14.44 14.40 5.03
N VAL A 300 13.47 14.66 5.90
CA VAL A 300 13.58 15.72 6.91
C VAL A 300 14.23 15.17 8.18
N GLY A 301 14.73 16.07 9.02
CA GLY A 301 15.40 15.71 10.27
C GLY A 301 14.52 14.96 11.25
N LYS A 302 15.14 14.46 12.31
CA LYS A 302 14.42 13.72 13.35
C LYS A 302 14.21 14.62 14.57
N LEU A 303 13.02 14.57 15.17
CA LEU A 303 12.68 15.42 16.31
C LEU A 303 13.56 15.14 17.54
N LYS A 304 14.62 15.92 17.68
CA LYS A 304 15.62 15.74 18.71
C LYS A 304 15.22 16.41 20.02
N TYR A 305 15.22 15.65 21.12
CA TYR A 305 15.02 16.22 22.46
C TYR A 305 15.69 15.44 23.59
N ASP A 306 15.90 16.12 24.72
CA ASP A 306 16.58 15.55 25.89
C ASP A 306 15.59 15.06 26.95
N GLY A 307 15.97 13.97 27.62
CA GLY A 307 15.13 13.34 28.63
C GLY A 307 14.02 12.49 28.01
N PRO A 308 13.31 11.71 28.84
CA PRO A 308 12.16 10.95 28.35
C PRO A 308 11.03 11.89 27.93
N ILE A 309 10.09 11.37 27.16
CA ILE A 309 8.99 12.18 26.61
C ILE A 309 8.04 12.70 27.70
N SER A 310 7.94 11.96 28.81
CA SER A 310 7.08 12.34 29.94
C SER A 310 7.60 13.53 30.75
N LYS A 311 8.81 13.98 30.43
CA LYS A 311 9.45 15.07 31.16
C LYS A 311 9.81 16.24 30.24
N LEU A 312 9.47 16.09 28.96
CA LEU A 312 9.79 17.11 27.96
C LEU A 312 9.08 18.44 28.21
N ARG A 313 7.80 18.37 28.56
CA ARG A 313 7.03 19.59 28.87
C ARG A 313 7.70 20.38 29.99
N GLU A 314 8.04 19.70 31.08
CA GLU A 314 8.66 20.31 32.25
C GLU A 314 9.83 21.21 31.86
N SER A 315 10.81 20.64 31.18
CA SER A 315 12.02 21.35 30.80
C SER A 315 11.78 22.22 29.57
N ASN A 316 11.65 21.56 28.41
CA ASN A 316 11.58 22.25 27.13
C ASN A 316 10.14 22.36 26.63
N HIS A 317 9.32 23.12 27.36
CA HIS A 317 7.92 23.36 26.98
C HIS A 317 7.81 24.01 25.61
N GLN A 318 8.80 24.84 25.29
CA GLN A 318 8.90 25.52 24.00
C GLN A 318 8.97 24.48 22.86
N ARG A 319 9.87 23.52 23.00
CA ARG A 319 10.06 22.47 22.01
C ARG A 319 8.89 21.48 22.02
N TYR A 320 8.31 21.27 23.20
CA TYR A 320 7.16 20.38 23.40
C TYR A 320 5.97 20.78 22.52
N ILE A 321 5.54 22.03 22.66
CA ILE A 321 4.43 22.58 21.89
C ILE A 321 4.82 22.69 20.42
N SER A 322 6.05 23.13 20.17
CA SER A 322 6.54 23.30 18.80
C SER A 322 6.51 21.98 18.02
N TYR A 323 7.14 20.97 18.60
CA TYR A 323 7.20 19.61 18.04
C TYR A 323 5.83 19.01 17.80
N ASN A 324 4.86 19.38 18.64
CA ASN A 324 3.47 18.96 18.50
C ASN A 324 2.87 19.46 17.19
N ILE A 325 3.16 20.72 16.87
CA ILE A 325 2.65 21.34 15.66
C ILE A 325 3.31 20.70 14.44
N ILE A 326 4.62 20.49 14.51
CA ILE A 326 5.36 19.90 13.41
C ILE A 326 4.75 18.56 13.05
N ALA A 327 4.49 17.74 14.07
CA ALA A 327 3.84 16.44 13.90
C ALA A 327 2.54 16.57 13.09
N VAL A 328 1.63 17.39 13.60
CA VAL A 328 0.36 17.70 12.92
C VAL A 328 0.57 18.12 11.46
N TYR A 329 1.66 18.83 11.21
CA TYR A 329 1.94 19.33 9.87
C TYR A 329 2.64 18.30 8.99
N ARG A 330 3.52 17.50 9.59
CA ARG A 330 4.29 16.51 8.84
C ARG A 330 3.39 15.56 8.05
N VAL A 331 2.29 15.16 8.66
CA VAL A 331 1.29 14.34 7.99
C VAL A 331 0.80 15.05 6.73
N LEU A 332 0.49 16.33 6.86
CA LEU A 332 0.04 17.14 5.72
C LEU A 332 1.06 17.15 4.58
N GLN A 333 2.34 17.09 4.93
CA GLN A 333 3.40 17.04 3.92
C GLN A 333 3.43 15.67 3.24
N ILE A 334 3.20 14.63 4.03
CA ILE A 334 3.16 13.27 3.52
C ILE A 334 2.00 13.10 2.54
N ASP A 335 0.89 13.77 2.82
CA ASP A 335 -0.29 13.69 1.94
C ASP A 335 -0.14 14.53 0.68
N ALA A 336 0.59 15.63 0.77
CA ALA A 336 0.81 16.48 -0.39
C ALA A 336 1.61 15.72 -1.44
N LYS A 337 2.54 14.89 -0.95
CA LYS A 337 3.35 14.04 -1.81
C LYS A 337 2.61 12.75 -2.18
N ARG A 338 1.96 12.14 -1.19
CA ARG A 338 1.34 10.83 -1.38
C ARG A 338 -0.07 10.90 -1.97
N GLN A 339 -0.88 11.82 -1.46
CA GLN A 339 -2.24 12.08 -1.98
C GLN A 339 -3.19 10.90 -1.79
N PHE A 340 -3.21 10.40 -0.56
CA PHE A 340 -4.09 9.30 -0.18
C PHE A 340 -5.50 9.82 0.12
N ILE A 341 -5.61 10.98 0.75
CA ILE A 341 -6.90 11.59 1.03
C ILE A 341 -7.66 11.82 -0.28
N ASN A 342 -6.96 12.34 -1.29
CA ASN A 342 -7.51 12.53 -2.64
C ASN A 342 -8.00 11.21 -3.23
N LEU A 343 -7.21 10.16 -3.06
CA LEU A 343 -7.57 8.82 -3.51
C LEU A 343 -8.81 8.33 -2.78
N SER A 344 -8.80 8.43 -1.45
CA SER A 344 -9.95 8.04 -0.64
C SER A 344 -11.26 8.63 -1.18
N LEU A 345 -11.22 9.91 -1.55
CA LEU A 345 -12.39 10.61 -2.07
C LEU A 345 -12.72 10.19 -3.52
N ASP A 346 -11.71 10.17 -4.38
CA ASP A 346 -11.87 9.66 -5.74
C ASP A 346 -12.57 8.31 -5.76
N MET A 347 -12.09 7.39 -4.94
CA MET A 347 -12.64 6.04 -4.84
C MET A 347 -14.02 6.04 -4.18
N GLY A 348 -14.09 6.59 -2.97
CA GLY A 348 -15.31 6.64 -2.17
C GLY A 348 -16.53 7.10 -2.95
N TYR A 349 -16.38 8.23 -3.66
CA TYR A 349 -17.47 8.82 -4.43
C TYR A 349 -17.86 8.01 -5.67
N TYR A 350 -16.86 7.50 -6.38
CA TYR A 350 -17.07 6.69 -7.58
C TYR A 350 -17.82 5.41 -7.25
N ALA A 351 -17.63 4.93 -6.02
CA ALA A 351 -18.31 3.74 -5.54
C ALA A 351 -19.64 4.09 -4.88
N LYS A 352 -19.73 5.32 -4.38
CA LYS A 352 -20.90 5.82 -3.63
C LYS A 352 -21.00 5.16 -2.26
N ILE A 353 -19.91 5.23 -1.50
CA ILE A 353 -19.80 4.65 -0.15
C ILE A 353 -19.22 5.66 0.82
N GLN A 354 -19.41 5.39 2.11
CA GLN A 354 -18.73 6.13 3.18
C GLN A 354 -17.25 6.14 2.84
N ILE A 355 -16.57 7.26 3.11
CA ILE A 355 -15.16 7.39 2.71
C ILE A 355 -14.26 6.41 3.47
N GLN A 356 -14.55 6.17 4.74
CA GLN A 356 -13.79 5.18 5.53
C GLN A 356 -14.03 3.74 5.05
N SER A 357 -14.92 3.57 4.07
CA SER A 357 -15.20 2.25 3.52
C SER A 357 -14.20 1.87 2.42
N VAL A 358 -13.36 2.82 2.01
CA VAL A 358 -12.36 2.55 0.97
C VAL A 358 -11.32 1.52 1.43
N PHE A 359 -11.21 1.31 2.74
CA PHE A 359 -10.33 0.28 3.29
C PHE A 359 -10.84 -1.12 2.98
N SER A 360 -12.14 -1.22 2.71
CA SER A 360 -12.76 -2.50 2.36
C SER A 360 -13.11 -2.57 0.87
N PRO A 361 -12.31 -3.33 0.09
CA PRO A 361 -12.54 -3.51 -1.36
C PRO A 361 -13.80 -4.30 -1.68
N ILE A 362 -14.21 -5.19 -0.78
CA ILE A 362 -15.50 -5.90 -0.91
C ILE A 362 -16.67 -4.92 -0.75
N LYS A 363 -16.66 -4.13 0.33
CA LYS A 363 -17.68 -3.10 0.52
C LYS A 363 -17.66 -2.10 -0.64
N THR A 364 -16.48 -1.89 -1.21
CA THR A 364 -16.32 -1.02 -2.39
C THR A 364 -16.94 -1.63 -3.65
N TRP A 365 -16.55 -2.85 -4.00
CA TRP A 365 -17.10 -3.50 -5.18
C TRP A 365 -18.59 -3.82 -5.06
N ASP A 366 -19.07 -4.03 -3.84
CA ASP A 366 -20.48 -4.34 -3.65
C ASP A 366 -21.34 -3.13 -4.00
N ALA A 367 -20.81 -1.94 -3.73
CA ALA A 367 -21.52 -0.70 -4.03
C ALA A 367 -21.40 -0.35 -5.52
N ILE A 368 -20.28 -0.70 -6.13
CA ILE A 368 -20.03 -0.41 -7.55
C ILE A 368 -20.92 -1.25 -8.46
N ILE A 369 -21.07 -2.53 -8.12
CA ILE A 369 -21.86 -3.46 -8.93
C ILE A 369 -23.36 -3.21 -8.71
N PHE A 370 -23.76 -2.98 -7.45
CA PHE A 370 -25.13 -2.64 -7.12
C PHE A 370 -25.62 -1.43 -7.92
N ASN A 371 -24.83 -0.37 -7.91
CA ASN A 371 -25.13 0.83 -8.69
C ASN A 371 -25.08 0.60 -10.19
N SER A 372 -24.19 -0.30 -10.62
CA SER A 372 -24.09 -0.68 -12.02
C SER A 372 -25.37 -1.39 -12.48
N LEU A 373 -25.88 -2.28 -11.63
CA LEU A 373 -27.04 -3.08 -11.95
C LEU A 373 -28.34 -2.29 -11.81
N LYS A 374 -28.43 -1.48 -10.75
CA LYS A 374 -29.66 -0.75 -10.43
C LYS A 374 -30.17 0.12 -11.59
N GLU A 375 -29.25 0.75 -12.30
CA GLU A 375 -29.60 1.58 -13.47
C GLU A 375 -30.21 0.74 -14.61
N GLN A 376 -29.90 -0.55 -14.64
CA GLN A 376 -30.48 -1.48 -15.61
C GLN A 376 -31.73 -2.19 -15.04
N ASN A 377 -32.18 -1.70 -13.88
CA ASN A 377 -33.33 -2.27 -13.15
C ASN A 377 -33.20 -3.74 -12.77
N LYS A 378 -31.96 -4.20 -12.62
CA LYS A 378 -31.69 -5.54 -12.13
C LYS A 378 -31.54 -5.54 -10.60
N VAL A 379 -31.65 -6.72 -9.99
CA VAL A 379 -31.64 -6.84 -8.52
C VAL A 379 -30.56 -7.79 -8.00
N ILE A 380 -29.74 -7.28 -7.09
CA ILE A 380 -28.62 -8.03 -6.50
C ILE A 380 -29.07 -9.23 -5.66
N PRO A 381 -28.43 -10.40 -5.88
CA PRO A 381 -28.71 -11.60 -5.08
C PRO A 381 -28.25 -11.45 -3.63
N GLN A 382 -28.97 -12.08 -2.71
CA GLN A 382 -28.72 -11.99 -1.27
C GLN A 382 -27.35 -12.54 -0.88
N GLY A 383 -26.76 -11.97 0.17
CA GLY A 383 -25.50 -12.46 0.73
C GLY A 383 -25.68 -13.79 1.44
N ARG A 384 -24.91 -14.79 1.00
CA ARG A 384 -24.99 -16.15 1.55
C ARG A 384 -23.84 -16.47 2.50
N SER A 385 -23.91 -17.63 3.15
CA SER A 385 -22.83 -18.13 3.98
C SER A 385 -22.06 -19.22 3.23
N HIS A 386 -20.73 -19.18 3.30
CA HIS A 386 -19.88 -20.17 2.62
C HIS A 386 -18.79 -20.71 3.54
N PRO A 387 -18.42 -22.00 3.36
CA PRO A 387 -17.25 -22.52 4.07
C PRO A 387 -15.95 -22.05 3.40
N VAL A 388 -14.95 -21.72 4.22
CA VAL A 388 -13.65 -21.28 3.72
C VAL A 388 -12.88 -22.46 3.12
N GLN A 389 -12.38 -22.27 1.90
CA GLN A 389 -11.69 -23.31 1.15
C GLN A 389 -10.45 -22.78 0.47
N PRO A 390 -9.37 -23.58 0.48
CA PRO A 390 -8.19 -23.25 -0.33
C PRO A 390 -8.52 -23.47 -1.80
N TYR A 391 -7.88 -22.70 -2.67
CA TYR A 391 -8.06 -22.89 -4.13
C TYR A 391 -6.77 -22.55 -4.88
N PRO A 392 -6.51 -23.20 -6.03
CA PRO A 392 -5.24 -23.01 -6.74
C PRO A 392 -5.03 -21.59 -7.27
N GLY A 393 -3.78 -21.14 -7.28
CA GLY A 393 -3.46 -19.79 -7.73
C GLY A 393 -2.55 -19.73 -8.94
N ALA A 394 -1.55 -18.85 -8.87
CA ALA A 394 -0.65 -18.57 -9.97
C ALA A 394 0.39 -19.67 -10.20
N PHE A 395 0.86 -19.83 -11.43
CA PHE A 395 1.98 -20.74 -11.72
C PHE A 395 3.34 -20.04 -11.65
N VAL A 396 4.23 -20.57 -10.80
CA VAL A 396 5.60 -20.09 -10.68
C VAL A 396 6.59 -21.18 -11.14
N LYS A 397 7.48 -20.82 -12.06
CA LYS A 397 8.44 -21.77 -12.64
C LYS A 397 9.69 -21.88 -11.80
N GLU A 398 10.24 -23.08 -11.73
CA GLU A 398 11.49 -23.35 -11.03
C GLU A 398 12.67 -23.03 -11.96
N PRO A 399 13.46 -21.99 -11.62
CA PRO A 399 14.60 -21.69 -12.49
C PRO A 399 15.82 -22.51 -12.09
N ILE A 400 16.75 -22.68 -13.02
CA ILE A 400 18.06 -23.21 -12.65
C ILE A 400 18.82 -22.07 -11.97
N PRO A 401 19.12 -22.22 -10.67
CA PRO A 401 19.83 -21.19 -9.94
C PRO A 401 21.18 -20.95 -10.59
N ASN A 402 21.37 -19.76 -11.14
CA ASN A 402 22.54 -19.48 -11.97
C ASN A 402 22.65 -18.00 -12.29
N ARG A 403 23.83 -17.59 -12.75
CA ARG A 403 24.02 -16.27 -13.35
C ARG A 403 23.43 -16.28 -14.78
N TYR A 404 22.95 -15.11 -15.23
CA TYR A 404 22.43 -14.96 -16.59
C TYR A 404 22.82 -13.59 -17.14
N LYS A 405 23.60 -13.61 -18.23
CA LYS A 405 24.22 -12.40 -18.80
C LYS A 405 23.20 -11.43 -19.43
N TYR A 406 22.60 -11.84 -20.54
CA TYR A 406 21.60 -11.01 -21.23
C TYR A 406 20.19 -11.57 -21.07
N VAL A 407 19.31 -10.73 -20.52
CA VAL A 407 17.94 -11.12 -20.16
C VAL A 407 16.93 -10.05 -20.61
N MET A 408 15.85 -10.49 -21.26
CA MET A 408 14.72 -9.63 -21.55
C MET A 408 13.46 -10.24 -20.94
N SER A 409 12.71 -9.45 -20.19
CA SER A 409 11.45 -9.93 -19.65
C SER A 409 10.27 -9.43 -20.48
N PHE A 410 9.16 -10.17 -20.41
CA PHE A 410 7.93 -9.82 -21.12
C PHE A 410 6.73 -10.00 -20.19
N ASP A 411 6.01 -8.90 -19.94
CA ASP A 411 4.97 -8.87 -18.92
C ASP A 411 3.57 -8.68 -19.51
N LEU A 412 2.58 -9.26 -18.84
CA LEU A 412 1.18 -9.09 -19.24
C LEU A 412 0.52 -7.89 -18.58
N THR A 413 -0.15 -7.09 -19.40
CA THR A 413 -0.84 -5.89 -18.96
C THR A 413 -2.05 -6.26 -18.11
N SER A 414 -2.04 -5.83 -16.86
CA SER A 414 -3.12 -6.11 -15.89
C SER A 414 -3.76 -7.46 -16.16
N LEU A 415 -3.07 -8.52 -15.77
CA LEU A 415 -3.44 -9.88 -16.20
C LEU A 415 -4.81 -10.36 -15.72
N TYR A 416 -4.99 -10.46 -14.41
CA TYR A 416 -6.21 -11.02 -13.85
C TYR A 416 -7.44 -10.21 -14.22
N PRO A 417 -7.36 -8.87 -14.18
CA PRO A 417 -8.49 -8.11 -14.71
C PRO A 417 -8.76 -8.39 -16.19
N SER A 418 -7.70 -8.63 -16.95
CA SER A 418 -7.82 -8.90 -18.38
C SER A 418 -8.55 -10.22 -18.63
N ILE A 419 -8.13 -11.27 -17.93
CA ILE A 419 -8.75 -12.59 -18.10
C ILE A 419 -10.26 -12.54 -17.85
N ILE A 420 -10.67 -11.82 -16.80
CA ILE A 420 -12.08 -11.58 -16.53
C ILE A 420 -12.77 -11.02 -17.77
N ARG A 421 -12.09 -10.09 -18.44
CA ARG A 421 -12.61 -9.41 -19.62
C ARG A 421 -12.56 -10.30 -20.87
N GLN A 422 -11.46 -11.02 -21.04
CA GLN A 422 -11.26 -11.88 -22.20
C GLN A 422 -12.25 -13.05 -22.21
N VAL A 423 -12.40 -13.71 -21.06
CA VAL A 423 -13.27 -14.86 -20.92
C VAL A 423 -14.72 -14.46 -20.62
N ASN A 424 -14.90 -13.21 -20.19
CA ASN A 424 -16.20 -12.68 -19.79
C ASN A 424 -16.74 -13.37 -18.54
N ILE A 425 -15.88 -13.45 -17.53
CA ILE A 425 -16.20 -14.08 -16.24
C ILE A 425 -17.00 -13.15 -15.34
N SER A 426 -18.24 -13.57 -15.07
CA SER A 426 -19.13 -12.84 -14.17
C SER A 426 -20.00 -13.86 -13.43
N PRO A 427 -20.68 -13.46 -12.34
CA PRO A 427 -21.54 -14.42 -11.65
C PRO A 427 -22.73 -14.87 -12.50
N GLU A 428 -23.16 -14.01 -13.43
CA GLU A 428 -24.36 -14.27 -14.24
C GLU A 428 -24.09 -14.73 -15.67
N THR A 429 -22.82 -14.67 -16.10
CA THR A 429 -22.44 -15.12 -17.45
C THR A 429 -21.98 -16.58 -17.52
N ILE A 430 -22.33 -17.36 -16.51
CA ILE A 430 -21.92 -18.76 -16.43
C ILE A 430 -22.88 -19.64 -17.23
N ALA A 431 -22.33 -20.43 -18.15
CA ALA A 431 -23.12 -21.35 -18.97
C ALA A 431 -23.19 -22.76 -18.38
N GLY A 432 -22.03 -23.36 -18.14
CA GLY A 432 -21.95 -24.71 -17.56
C GLY A 432 -20.52 -25.17 -17.36
N THR A 433 -20.31 -26.48 -17.49
CA THR A 433 -18.99 -27.07 -17.36
C THR A 433 -18.61 -27.88 -18.60
N PHE A 434 -17.39 -28.38 -18.63
CA PHE A 434 -16.96 -29.37 -19.64
C PHE A 434 -15.90 -30.32 -19.08
N LYS A 435 -15.62 -31.38 -19.85
CA LYS A 435 -14.61 -32.37 -19.49
C LYS A 435 -13.21 -31.77 -19.52
N VAL A 436 -12.61 -31.64 -18.34
CA VAL A 436 -11.31 -30.99 -18.19
C VAL A 436 -10.17 -31.96 -18.47
N ALA A 437 -9.38 -31.66 -19.50
CA ALA A 437 -8.17 -32.40 -19.80
C ALA A 437 -7.03 -31.86 -18.93
N PRO A 438 -5.94 -32.64 -18.74
CA PRO A 438 -4.81 -32.14 -17.97
C PRO A 438 -4.38 -30.77 -18.48
N LEU A 439 -4.18 -29.83 -17.57
CA LEU A 439 -3.75 -28.49 -17.90
C LEU A 439 -2.67 -28.48 -18.99
N HIS A 440 -1.77 -29.47 -18.93
CA HIS A 440 -0.66 -29.60 -19.88
C HIS A 440 -1.07 -29.86 -21.32
N ASP A 441 -2.23 -30.51 -21.51
CA ASP A 441 -2.77 -30.75 -22.84
C ASP A 441 -3.34 -29.48 -23.47
N TYR A 442 -3.74 -28.54 -22.63
CA TYR A 442 -4.19 -27.22 -23.09
C TYR A 442 -2.98 -26.32 -23.36
N ILE A 443 -1.96 -26.44 -22.51
CA ILE A 443 -0.71 -25.71 -22.67
C ILE A 443 -0.03 -26.09 -23.98
N ASN A 444 -0.01 -27.39 -24.28
CA ASN A 444 0.59 -27.92 -25.50
C ASN A 444 -0.35 -27.99 -26.70
N ALA A 445 -1.54 -27.42 -26.54
CA ALA A 445 -2.54 -27.31 -27.62
C ALA A 445 -2.98 -28.65 -28.23
N VAL A 446 -2.86 -29.72 -27.46
CA VAL A 446 -3.16 -31.07 -27.97
C VAL A 446 -4.52 -31.60 -27.53
N ALA A 447 -5.11 -31.01 -26.47
CA ALA A 447 -6.44 -31.40 -26.02
C ALA A 447 -7.51 -30.91 -26.98
N GLU A 448 -8.70 -31.52 -26.93
CA GLU A 448 -9.83 -31.10 -27.77
C GLU A 448 -10.32 -29.70 -27.37
N ARG A 449 -10.88 -28.99 -28.34
CA ARG A 449 -11.42 -27.64 -28.14
C ARG A 449 -12.62 -27.71 -27.19
N PRO A 450 -12.52 -27.04 -26.03
CA PRO A 450 -13.53 -27.07 -24.97
C PRO A 450 -14.94 -26.69 -25.45
N SER A 451 -15.03 -25.60 -26.21
CA SER A 451 -16.32 -25.16 -26.76
C SER A 451 -16.17 -24.49 -28.11
N ASP A 452 -17.22 -24.62 -28.92
CA ASP A 452 -17.31 -23.91 -30.19
C ASP A 452 -18.38 -22.82 -30.11
N VAL A 453 -19.11 -22.80 -29.00
CA VAL A 453 -20.15 -21.80 -28.74
C VAL A 453 -19.74 -20.80 -27.66
N TYR A 454 -19.12 -21.31 -26.59
CA TYR A 454 -18.85 -20.49 -25.39
C TYR A 454 -17.38 -20.17 -25.15
N SER A 455 -17.17 -19.08 -24.40
CA SER A 455 -15.86 -18.64 -23.93
C SER A 455 -15.42 -19.47 -22.73
N CYS A 456 -14.25 -20.11 -22.83
CA CYS A 456 -13.84 -21.12 -21.86
C CYS A 456 -12.53 -20.86 -21.09
N SER A 457 -12.38 -21.58 -19.98
CA SER A 457 -11.18 -21.54 -19.15
C SER A 457 -10.75 -22.97 -18.76
N PRO A 458 -9.43 -23.25 -18.79
CA PRO A 458 -8.88 -24.58 -18.47
C PRO A 458 -9.24 -25.14 -17.09
N ASN A 459 -10.10 -24.44 -16.35
CA ASN A 459 -10.67 -24.98 -15.12
C ASN A 459 -12.03 -25.64 -15.37
N GLY A 460 -12.40 -25.73 -16.65
CA GLY A 460 -13.61 -26.42 -17.08
C GLY A 460 -14.88 -25.62 -16.93
N MET A 461 -14.83 -24.35 -17.30
CA MET A 461 -15.98 -23.46 -17.14
C MET A 461 -16.27 -22.72 -18.43
N MET A 462 -17.55 -22.67 -18.79
CA MET A 462 -17.98 -22.02 -20.02
C MET A 462 -18.78 -20.77 -19.72
N TYR A 463 -18.47 -19.70 -20.44
CA TYR A 463 -19.13 -18.41 -20.25
C TYR A 463 -19.76 -17.89 -21.54
N TYR A 464 -20.85 -17.15 -21.39
CA TYR A 464 -21.57 -16.58 -22.52
C TYR A 464 -20.75 -15.55 -23.29
N LYS A 465 -20.97 -15.49 -24.59
CA LYS A 465 -20.26 -14.55 -25.46
C LYS A 465 -21.16 -13.40 -25.93
N ASP A 466 -22.47 -13.61 -25.89
CA ASP A 466 -23.46 -12.65 -26.40
C ASP A 466 -23.40 -11.26 -25.75
N ARG A 467 -24.06 -11.10 -24.59
CA ARG A 467 -24.03 -9.83 -23.88
C ARG A 467 -23.07 -9.85 -22.70
N ASP A 468 -22.40 -8.72 -22.49
CA ASP A 468 -21.35 -8.56 -21.49
C ASP A 468 -21.86 -8.76 -20.06
N GLY A 469 -21.04 -9.38 -19.23
CA GLY A 469 -21.34 -9.55 -17.82
C GLY A 469 -21.10 -8.27 -17.05
N VAL A 470 -21.63 -8.19 -15.84
CA VAL A 470 -21.55 -6.97 -15.05
C VAL A 470 -20.16 -6.74 -14.47
N VAL A 471 -19.47 -7.83 -14.13
CA VAL A 471 -18.09 -7.72 -13.60
C VAL A 471 -17.09 -7.26 -14.67
N PRO A 472 -17.07 -7.93 -15.85
CA PRO A 472 -16.15 -7.48 -16.89
C PRO A 472 -16.38 -6.01 -17.30
N THR A 473 -17.65 -5.60 -17.35
CA THR A 473 -18.04 -4.24 -17.69
C THR A 473 -17.57 -3.26 -16.61
N GLU A 474 -17.73 -3.64 -15.34
CA GLU A 474 -17.34 -2.80 -14.21
C GLU A 474 -15.83 -2.68 -13.98
N ILE A 475 -15.11 -3.78 -14.20
CA ILE A 475 -13.67 -3.80 -14.09
C ILE A 475 -13.00 -3.01 -15.24
N THR A 476 -13.63 -3.03 -16.42
CA THR A 476 -13.09 -2.30 -17.58
C THR A 476 -12.99 -0.79 -17.27
N LYS A 477 -14.09 -0.21 -16.81
CA LYS A 477 -14.11 1.21 -16.45
C LYS A 477 -12.92 1.60 -15.58
N VAL A 478 -12.75 0.90 -14.46
CA VAL A 478 -11.70 1.21 -13.49
C VAL A 478 -10.31 0.91 -14.04
N PHE A 479 -10.21 -0.11 -14.90
CA PHE A 479 -8.94 -0.43 -15.57
C PHE A 479 -8.51 0.70 -16.50
N ASN A 480 -9.48 1.28 -17.21
CA ASN A 480 -9.24 2.43 -18.08
C ASN A 480 -8.74 3.65 -17.32
N GLN A 481 -9.31 3.89 -16.14
CA GLN A 481 -8.83 4.96 -15.26
C GLN A 481 -7.41 4.67 -14.82
N ARG A 482 -7.17 3.47 -14.32
CA ARG A 482 -5.85 3.01 -13.92
C ARG A 482 -4.83 3.31 -15.03
N LYS A 483 -5.15 2.89 -16.25
CA LYS A 483 -4.29 3.07 -17.42
C LYS A 483 -3.88 4.52 -17.64
N GLU A 484 -4.86 5.43 -17.67
CA GLU A 484 -4.60 6.85 -17.92
C GLU A 484 -3.56 7.38 -16.95
N HIS A 485 -3.74 7.04 -15.67
CA HIS A 485 -2.83 7.48 -14.61
C HIS A 485 -1.44 6.86 -14.70
N LYS A 486 -1.33 5.69 -15.32
CA LYS A 486 -0.04 5.05 -15.48
C LYS A 486 0.74 5.72 -16.59
N GLY A 487 0.06 6.02 -17.69
CA GLY A 487 0.66 6.75 -18.83
C GLY A 487 1.20 8.11 -18.41
N TYR A 488 0.62 8.65 -17.34
CA TYR A 488 1.14 9.85 -16.68
C TYR A 488 2.41 9.49 -15.93
N MET A 489 2.29 8.56 -14.98
CA MET A 489 3.40 8.13 -14.15
C MET A 489 4.65 7.82 -14.99
N LEU A 490 4.45 7.10 -16.09
CA LEU A 490 5.56 6.62 -16.93
C LEU A 490 6.28 7.75 -17.64
N ALA A 491 5.55 8.82 -17.98
CA ALA A 491 6.15 10.00 -18.61
C ALA A 491 7.05 10.72 -17.60
N ALA A 492 6.48 11.09 -16.45
CA ALA A 492 7.23 11.73 -15.37
C ALA A 492 8.44 10.89 -14.96
N GLN A 493 8.38 9.60 -15.27
CA GLN A 493 9.51 8.70 -15.08
C GLN A 493 10.52 8.88 -16.20
N ARG A 494 10.04 8.86 -17.45
CA ARG A 494 10.89 9.05 -18.63
C ARG A 494 11.55 10.44 -18.61
N ASN A 495 10.76 11.44 -18.18
CA ASN A 495 11.22 12.82 -18.08
C ASN A 495 12.18 13.04 -16.92
N GLY A 496 12.11 12.17 -15.92
CA GLY A 496 13.07 12.18 -14.83
C GLY A 496 14.45 11.83 -15.35
N GLU A 497 14.51 10.85 -16.25
CA GLU A 497 15.79 10.40 -16.81
C GLU A 497 16.38 11.37 -17.86
N ILE A 498 15.54 12.22 -18.43
CA ILE A 498 16.00 13.25 -19.36
C ILE A 498 16.71 14.35 -18.58
N ILE A 499 16.18 14.67 -17.40
CA ILE A 499 16.80 15.63 -16.50
C ILE A 499 18.13 15.07 -15.96
N LYS A 500 18.14 13.77 -15.66
CA LYS A 500 19.33 13.13 -15.11
C LYS A 500 20.45 12.92 -16.15
N GLU A 501 20.08 12.64 -17.40
CA GLU A 501 21.05 12.50 -18.49
C GLU A 501 21.73 13.84 -18.75
N ALA A 502 20.93 14.91 -18.66
CA ALA A 502 21.42 16.27 -18.87
C ALA A 502 22.21 16.79 -17.67
N LEU A 503 21.90 16.25 -16.48
CA LEU A 503 22.63 16.59 -15.26
C LEU A 503 24.06 16.09 -15.24
N HIS A 504 24.42 15.26 -16.22
CA HIS A 504 25.81 14.86 -16.41
C HIS A 504 26.67 16.09 -16.69
N ASN A 505 26.25 16.91 -17.67
CA ASN A 505 26.92 18.17 -17.96
C ASN A 505 26.01 19.35 -17.67
N PRO A 506 25.93 19.79 -16.39
CA PRO A 506 25.12 20.97 -16.11
C PRO A 506 25.86 22.25 -16.47
N ASN A 507 25.12 23.26 -16.93
CA ASN A 507 25.72 24.55 -17.26
C ASN A 507 26.01 25.36 -16.00
N LEU A 508 27.13 26.10 -16.03
CA LEU A 508 27.38 27.12 -15.02
C LEU A 508 26.80 28.44 -15.52
N SER A 509 25.47 28.45 -15.65
CA SER A 509 24.71 29.63 -16.01
C SER A 509 23.79 30.01 -14.86
N VAL A 510 23.08 31.11 -15.01
CA VAL A 510 22.05 31.50 -14.05
C VAL A 510 20.72 31.58 -14.79
N ASP A 511 20.00 30.47 -14.80
CA ASP A 511 18.68 30.37 -15.42
C ASP A 511 17.65 29.80 -14.44
N GLU A 512 16.40 29.70 -14.88
CA GLU A 512 15.31 29.23 -14.01
C GLU A 512 14.58 28.00 -14.59
N PRO A 513 13.94 27.20 -13.70
CA PRO A 513 13.17 26.03 -14.11
C PRO A 513 12.01 26.38 -15.03
N LEU A 514 11.89 25.66 -16.14
CA LEU A 514 10.81 25.87 -17.12
C LEU A 514 9.45 25.46 -16.57
N ASP A 515 8.40 26.21 -16.90
CA ASP A 515 7.06 25.78 -16.56
C ASP A 515 6.59 24.77 -17.60
N VAL A 516 6.61 23.50 -17.23
CA VAL A 516 6.17 22.42 -18.12
C VAL A 516 5.23 21.45 -17.40
N ASP A 517 4.47 20.70 -18.20
CA ASP A 517 3.56 19.67 -17.68
C ASP A 517 4.25 18.32 -17.74
N TYR A 518 4.53 17.75 -16.57
CA TYR A 518 5.37 16.56 -16.46
C TYR A 518 4.66 15.26 -16.82
N ARG A 519 3.33 15.28 -16.88
CA ARG A 519 2.55 14.08 -17.16
C ARG A 519 2.65 13.67 -18.64
N PHE A 520 3.30 14.50 -19.44
CA PHE A 520 3.53 14.24 -20.86
C PHE A 520 5.00 14.43 -21.19
N ASP A 521 5.53 13.57 -22.06
CA ASP A 521 6.96 13.56 -22.41
C ASP A 521 7.39 14.89 -22.99
N PHE A 522 8.56 15.35 -22.56
CA PHE A 522 9.15 16.55 -23.14
C PHE A 522 9.35 16.38 -24.64
N SER A 523 8.95 17.40 -25.38
CA SER A 523 9.24 17.48 -26.80
C SER A 523 10.73 17.73 -27.00
N ASP A 524 11.26 17.30 -28.14
CA ASP A 524 12.67 17.54 -28.50
C ASP A 524 12.98 19.04 -28.55
N GLU A 525 11.96 19.84 -28.26
CA GLU A 525 12.07 21.28 -28.09
C GLU A 525 12.56 21.59 -26.67
N ILE A 526 11.75 21.21 -25.67
CA ILE A 526 12.04 21.45 -24.26
C ILE A 526 13.25 20.62 -23.82
N LYS A 527 13.43 19.48 -24.46
CA LYS A 527 14.56 18.60 -24.24
C LYS A 527 15.89 19.34 -24.51
N GLU A 528 15.90 20.15 -25.57
CA GLU A 528 17.09 20.89 -25.99
C GLU A 528 17.43 22.06 -25.08
N LYS A 529 16.40 22.70 -24.53
CA LYS A 529 16.59 23.80 -23.59
C LYS A 529 17.10 23.31 -22.23
N ILE A 530 16.74 22.07 -21.89
CA ILE A 530 17.21 21.44 -20.67
C ILE A 530 18.73 21.24 -20.70
N LYS A 531 19.25 20.98 -21.89
CA LYS A 531 20.69 20.77 -22.10
C LYS A 531 21.53 22.05 -21.96
N LYS A 532 20.87 23.19 -21.76
CA LYS A 532 21.54 24.46 -21.54
C LYS A 532 21.37 24.97 -20.11
N LEU A 533 20.66 24.19 -19.29
CA LEU A 533 20.24 24.64 -17.96
C LEU A 533 21.29 24.52 -16.86
N SER A 534 21.15 25.37 -15.85
CA SER A 534 21.98 25.38 -14.64
C SER A 534 21.75 24.12 -13.82
N ALA A 535 22.77 23.76 -13.05
CA ALA A 535 22.69 22.63 -12.11
C ALA A 535 21.62 22.85 -11.05
N LYS A 536 21.41 24.12 -10.70
CA LYS A 536 20.39 24.55 -9.76
C LYS A 536 18.98 24.25 -10.32
N SER A 537 18.75 24.71 -11.55
CA SER A 537 17.44 24.60 -12.19
C SER A 537 17.14 23.19 -12.71
N LEU A 538 18.19 22.40 -12.94
CA LEU A 538 18.02 21.00 -13.29
C LEU A 538 17.53 20.17 -12.10
N ASN A 539 18.17 20.36 -10.93
CA ASN A 539 17.78 19.65 -9.72
C ASN A 539 16.37 19.99 -9.21
N GLU A 540 15.94 21.22 -9.44
CA GLU A 540 14.59 21.64 -9.05
C GLU A 540 13.56 21.04 -10.02
N MET A 541 13.90 20.99 -11.30
CA MET A 541 13.07 20.32 -12.31
C MET A 541 12.93 18.83 -12.04
N LEU A 542 14.00 18.22 -11.54
CA LEU A 542 14.00 16.80 -11.17
C LEU A 542 13.05 16.51 -10.01
N PHE A 543 13.06 17.37 -9.00
CA PHE A 543 12.14 17.26 -7.87
C PHE A 543 10.68 17.25 -8.35
N ARG A 544 10.31 18.28 -9.11
CA ARG A 544 8.97 18.42 -9.71
C ARG A 544 8.55 17.21 -10.53
N ALA A 545 9.49 16.68 -11.32
CA ALA A 545 9.25 15.51 -12.17
C ALA A 545 9.04 14.26 -11.34
N GLN A 546 9.70 14.21 -10.18
CA GLN A 546 9.62 13.05 -9.32
C GLN A 546 8.35 13.07 -8.49
N ARG A 547 7.97 14.25 -7.98
CA ARG A 547 6.73 14.40 -7.24
C ARG A 547 5.52 14.08 -8.10
N THR A 548 5.60 14.44 -9.38
CA THR A 548 4.60 14.08 -10.37
C THR A 548 4.54 12.56 -10.53
N GLU A 549 5.70 11.92 -10.61
CA GLU A 549 5.76 10.47 -10.69
C GLU A 549 5.06 9.84 -9.49
N VAL A 550 5.47 10.22 -8.27
CA VAL A 550 4.83 9.71 -7.03
C VAL A 550 3.31 9.85 -7.11
N ALA A 551 2.83 11.08 -7.33
CA ALA A 551 1.41 11.36 -7.42
C ALA A 551 0.72 10.46 -8.45
N GLY A 552 1.36 10.30 -9.61
CA GLY A 552 0.89 9.42 -10.68
C GLY A 552 0.91 7.97 -10.23
N MET A 553 2.03 7.56 -9.63
CA MET A 553 2.18 6.23 -9.06
C MET A 553 1.01 5.87 -8.14
N THR A 554 0.79 6.69 -7.10
CA THR A 554 -0.30 6.51 -6.15
C THR A 554 -1.63 6.23 -6.83
N ALA A 555 -1.93 7.02 -7.86
CA ALA A 555 -3.19 6.89 -8.58
C ALA A 555 -3.28 5.56 -9.30
N GLN A 556 -2.21 5.18 -9.99
CA GLN A 556 -2.24 4.01 -10.86
C GLN A 556 -2.06 2.68 -10.10
N ILE A 557 -1.30 2.71 -9.00
CA ILE A 557 -0.99 1.50 -8.25
C ILE A 557 -2.17 1.04 -7.38
N ASN A 558 -2.97 1.99 -6.91
CA ASN A 558 -4.08 1.69 -6.03
C ASN A 558 -5.38 1.45 -6.77
N ARG A 559 -5.47 2.02 -7.96
CA ARG A 559 -6.48 1.63 -8.94
C ARG A 559 -6.21 0.22 -9.43
N LYS A 560 -4.93 -0.13 -9.57
CA LYS A 560 -4.55 -1.50 -9.85
C LYS A 560 -4.93 -2.38 -8.67
N LEU A 561 -4.38 -2.07 -7.49
CA LEU A 561 -4.71 -2.82 -6.27
C LEU A 561 -6.22 -3.04 -6.10
N LEU A 562 -7.02 -2.02 -6.42
CA LEU A 562 -8.46 -2.13 -6.30
C LEU A 562 -8.99 -3.22 -7.23
N ILE A 563 -8.70 -3.11 -8.52
CA ILE A 563 -9.22 -4.09 -9.49
C ILE A 563 -8.70 -5.51 -9.28
N ASN A 564 -7.46 -5.65 -8.81
CA ASN A 564 -6.91 -6.96 -8.49
C ASN A 564 -7.64 -7.60 -7.30
N SER A 565 -8.04 -6.74 -6.36
CA SER A 565 -8.81 -7.16 -5.20
C SER A 565 -10.17 -7.73 -5.58
N LEU A 566 -10.74 -7.26 -6.69
CA LEU A 566 -11.99 -7.82 -7.19
C LEU A 566 -11.80 -9.28 -7.59
N ALA A 567 -10.70 -9.57 -8.29
CA ALA A 567 -10.35 -10.94 -8.65
C ALA A 567 -10.19 -11.77 -7.39
N GLY A 568 -9.42 -11.24 -6.43
CA GLY A 568 -9.22 -11.90 -5.15
C GLY A 568 -10.49 -12.02 -4.33
N ALA A 569 -11.34 -11.01 -4.41
CA ALA A 569 -12.59 -10.97 -3.63
C ALA A 569 -13.53 -12.11 -3.98
N LEU A 570 -13.49 -12.57 -5.24
CA LEU A 570 -14.24 -13.73 -5.67
C LEU A 570 -13.84 -14.99 -4.89
N GLY A 571 -12.76 -14.88 -4.11
CA GLY A 571 -12.28 -15.99 -3.27
C GLY A 571 -12.45 -15.76 -1.78
N ASN A 572 -12.97 -14.59 -1.39
CA ASN A 572 -13.31 -14.32 0.00
C ASN A 572 -14.80 -14.55 0.21
N VAL A 573 -15.14 -15.33 1.24
CA VAL A 573 -16.52 -15.80 1.44
C VAL A 573 -17.54 -14.71 1.76
N TRP A 574 -17.07 -13.54 2.20
CA TRP A 574 -17.94 -12.44 2.60
C TRP A 574 -18.33 -11.56 1.41
N PHE A 575 -17.70 -11.81 0.28
CA PHE A 575 -18.02 -11.12 -0.96
C PHE A 575 -19.29 -11.69 -1.55
N ARG A 576 -20.29 -10.83 -1.75
CA ARG A 576 -21.63 -11.21 -2.22
C ARG A 576 -21.60 -12.08 -3.48
N TYR A 577 -20.61 -11.89 -4.32
CA TYR A 577 -20.48 -12.64 -5.57
C TYR A 577 -19.34 -13.66 -5.51
N TYR A 578 -19.09 -14.17 -4.30
CA TYR A 578 -18.10 -15.22 -4.07
C TYR A 578 -18.45 -16.45 -4.88
N ASP A 579 -17.48 -16.97 -5.62
CA ASP A 579 -17.68 -18.16 -6.43
C ASP A 579 -16.34 -18.76 -6.83
N LEU A 580 -15.91 -19.78 -6.11
CA LEU A 580 -14.67 -20.49 -6.43
C LEU A 580 -14.56 -20.95 -7.87
N ARG A 581 -15.68 -21.30 -8.50
CA ARG A 581 -15.69 -21.68 -9.92
C ARG A 581 -15.13 -20.55 -10.77
N ASN A 582 -15.41 -19.31 -10.35
CA ASN A 582 -14.96 -18.12 -11.06
C ASN A 582 -13.52 -17.74 -10.74
N ALA A 583 -13.13 -17.87 -9.47
CA ALA A 583 -11.78 -17.50 -9.04
C ALA A 583 -10.76 -18.43 -9.67
N THR A 584 -11.09 -19.72 -9.69
CA THR A 584 -10.27 -20.76 -10.30
C THR A 584 -10.18 -20.57 -11.81
N ALA A 585 -11.31 -20.18 -12.43
CA ALA A 585 -11.36 -19.87 -13.85
C ALA A 585 -10.34 -18.80 -14.26
N ILE A 586 -10.14 -17.83 -13.37
CA ILE A 586 -9.15 -16.77 -13.57
C ILE A 586 -7.74 -17.35 -13.45
N THR A 587 -7.41 -17.80 -12.24
CA THR A 587 -6.06 -18.28 -11.90
C THR A 587 -5.60 -19.37 -12.87
N THR A 588 -6.47 -20.36 -13.08
CA THR A 588 -6.17 -21.47 -13.99
C THR A 588 -5.84 -20.98 -15.39
N PHE A 589 -6.63 -20.05 -15.91
CA PHE A 589 -6.35 -19.43 -17.20
C PHE A 589 -4.95 -18.79 -17.17
N GLY A 590 -4.68 -18.03 -16.10
CA GLY A 590 -3.37 -17.44 -15.88
C GLY A 590 -2.26 -18.45 -16.00
N GLN A 591 -2.39 -19.57 -15.30
CA GLN A 591 -1.44 -20.68 -15.41
C GLN A 591 -1.24 -21.13 -16.86
N MET A 592 -2.32 -21.19 -17.62
CA MET A 592 -2.25 -21.62 -19.02
C MET A 592 -1.64 -20.56 -19.92
N ALA A 593 -1.98 -19.30 -19.68
CA ALA A 593 -1.52 -18.18 -20.50
C ALA A 593 0.00 -18.02 -20.48
N LEU A 594 0.59 -18.27 -19.31
CA LEU A 594 2.03 -18.14 -19.13
C LEU A 594 2.76 -19.35 -19.72
N GLN A 595 2.32 -20.55 -19.35
CA GLN A 595 2.92 -21.79 -19.83
C GLN A 595 2.69 -22.00 -21.33
N TRP A 596 1.60 -21.44 -21.86
CA TRP A 596 1.33 -21.47 -23.30
C TRP A 596 2.34 -20.61 -24.05
N ILE A 597 2.63 -19.42 -23.52
CA ILE A 597 3.57 -18.50 -24.17
C ILE A 597 5.02 -18.90 -23.93
N GLU A 598 5.30 -19.58 -22.82
CA GLU A 598 6.61 -20.17 -22.58
C GLU A 598 6.92 -21.08 -23.76
N ARG A 599 5.95 -21.91 -24.12
CA ARG A 599 6.05 -22.77 -25.30
C ARG A 599 6.30 -21.92 -26.55
N LYS A 600 5.44 -20.93 -26.77
CA LYS A 600 5.46 -20.12 -28.00
C LYS A 600 6.75 -19.33 -28.24
N VAL A 601 7.29 -18.76 -27.17
CA VAL A 601 8.50 -17.94 -27.25
C VAL A 601 9.72 -18.82 -27.52
N ASN A 602 9.78 -19.96 -26.83
CA ASN A 602 10.80 -20.98 -27.08
C ASN A 602 10.75 -21.50 -28.52
N GLU A 603 9.53 -21.70 -29.01
CA GLU A 603 9.28 -22.21 -30.35
C GLU A 603 9.65 -21.20 -31.43
N TYR A 604 9.52 -19.91 -31.10
CA TYR A 604 9.90 -18.86 -32.03
C TYR A 604 11.41 -18.71 -32.10
N LEU A 605 12.05 -18.56 -30.94
CA LEU A 605 13.48 -18.28 -30.87
C LEU A 605 14.34 -19.46 -31.32
N ASN A 606 13.72 -20.63 -31.44
CA ASN A 606 14.34 -21.77 -32.11
C ASN A 606 14.18 -21.68 -33.62
N GLU A 607 13.03 -21.18 -34.05
CA GLU A 607 12.74 -21.06 -35.48
C GLU A 607 13.47 -19.88 -36.10
N VAL A 608 13.81 -18.88 -35.28
CA VAL A 608 14.57 -17.73 -35.77
C VAL A 608 16.07 -18.06 -35.80
N CYS A 609 16.54 -18.79 -34.79
CA CYS A 609 17.95 -19.18 -34.68
C CYS A 609 18.29 -20.43 -35.47
N GLY A 610 17.28 -21.05 -36.08
CA GLY A 610 17.45 -22.29 -36.81
C GLY A 610 17.79 -23.48 -35.92
N THR A 611 17.67 -23.28 -34.61
CA THR A 611 17.97 -24.32 -33.62
C THR A 611 16.77 -25.26 -33.39
N GLU A 612 17.03 -26.39 -32.73
CA GLU A 612 16.04 -27.44 -32.56
C GLU A 612 15.87 -27.82 -31.09
N GLY A 613 14.84 -27.24 -30.44
CA GLY A 613 14.46 -27.63 -29.09
C GLY A 613 15.28 -27.11 -27.91
N GLU A 614 15.92 -25.96 -28.07
CA GLU A 614 16.67 -25.32 -26.98
C GLU A 614 15.76 -24.43 -26.12
N ALA A 615 16.12 -24.26 -24.85
CA ALA A 615 15.35 -23.41 -23.93
C ALA A 615 15.82 -21.96 -23.91
N PHE A 616 14.86 -21.04 -23.91
CA PHE A 616 15.14 -19.62 -23.83
C PHE A 616 14.45 -18.99 -22.61
N VAL A 617 13.18 -19.34 -22.41
CA VAL A 617 12.42 -18.90 -21.24
C VAL A 617 12.96 -19.65 -20.03
N LEU A 618 13.54 -18.89 -19.09
CA LEU A 618 14.27 -19.46 -17.95
C LEU A 618 13.52 -19.38 -16.63
N TYR A 619 12.67 -18.36 -16.47
CA TYR A 619 11.87 -18.19 -15.25
C TYR A 619 10.59 -17.41 -15.55
N GLY A 620 9.48 -17.86 -14.96
CA GLY A 620 8.18 -17.23 -15.13
C GLY A 620 7.45 -17.14 -13.81
N ASP A 621 6.63 -16.10 -13.65
CA ASP A 621 5.94 -15.89 -12.38
C ASP A 621 4.62 -15.15 -12.55
N THR A 622 3.53 -15.93 -12.66
CA THR A 622 2.16 -15.42 -12.71
C THR A 622 1.77 -14.91 -14.09
N ASP A 623 2.47 -13.89 -14.57
CA ASP A 623 2.09 -13.17 -15.79
C ASP A 623 3.26 -12.63 -16.61
N SER A 624 4.47 -13.11 -16.33
CA SER A 624 5.65 -12.63 -17.03
C SER A 624 6.70 -13.71 -17.20
N ILE A 625 7.35 -13.71 -18.36
CA ILE A 625 8.44 -14.64 -18.66
C ILE A 625 9.79 -13.90 -18.74
N TYR A 626 10.88 -14.64 -18.52
CA TYR A 626 12.23 -14.08 -18.63
C TYR A 626 13.04 -14.79 -19.71
N VAL A 627 13.43 -14.04 -20.72
CA VAL A 627 14.06 -14.60 -21.91
C VAL A 627 15.56 -14.32 -21.93
N SER A 628 16.35 -15.38 -22.00
CA SER A 628 17.79 -15.26 -22.09
C SER A 628 18.19 -14.82 -23.50
N ALA A 629 18.97 -13.74 -23.57
CA ALA A 629 19.34 -13.13 -24.85
C ALA A 629 20.82 -13.35 -25.21
N ASP A 630 21.47 -14.27 -24.51
CA ASP A 630 22.87 -14.62 -24.76
C ASP A 630 23.12 -14.95 -26.24
N LYS A 631 22.33 -15.87 -26.78
CA LYS A 631 22.46 -16.31 -28.17
C LYS A 631 22.20 -15.20 -29.19
N ILE A 632 21.39 -14.22 -28.80
CA ILE A 632 21.05 -13.09 -29.67
C ILE A 632 22.24 -12.17 -29.86
N ILE A 633 22.87 -11.77 -28.75
CA ILE A 633 24.09 -10.97 -28.80
C ILE A 633 25.24 -11.80 -29.36
N ASP A 634 25.21 -13.12 -29.11
CA ASP A 634 26.18 -14.05 -29.69
C ASP A 634 26.14 -14.02 -31.21
N LYS A 635 24.94 -13.99 -31.77
CA LYS A 635 24.75 -14.05 -33.22
C LYS A 635 25.21 -12.80 -33.95
N VAL A 636 25.17 -11.65 -33.28
CA VAL A 636 25.63 -10.39 -33.87
C VAL A 636 27.01 -9.97 -33.36
N GLY A 637 27.52 -10.68 -32.35
CA GLY A 637 28.88 -10.48 -31.85
C GLY A 637 29.04 -9.31 -30.90
N GLU A 638 29.69 -9.57 -29.77
CA GLU A 638 29.93 -8.55 -28.74
C GLU A 638 30.85 -7.44 -29.25
N SER A 639 31.79 -7.81 -30.11
CA SER A 639 32.74 -6.86 -30.73
C SER A 639 32.06 -5.70 -31.46
N LYS A 640 30.89 -5.97 -32.06
CA LYS A 640 30.24 -5.03 -32.97
C LYS A 640 29.60 -3.80 -32.32
N PHE A 641 29.34 -3.89 -31.02
CA PHE A 641 28.63 -2.81 -30.33
C PHE A 641 29.55 -1.68 -29.87
N ARG A 642 29.09 -0.45 -30.10
CA ARG A 642 29.86 0.76 -29.83
C ARG A 642 29.97 1.02 -28.33
N ASP A 643 28.81 1.15 -27.69
CA ASP A 643 28.74 1.38 -26.24
C ASP A 643 27.60 0.55 -25.65
N THR A 644 27.57 0.44 -24.33
CA THR A 644 26.55 -0.34 -23.62
C THR A 644 25.14 -0.07 -24.15
N ASN A 645 24.85 1.20 -24.41
CA ASN A 645 23.58 1.65 -24.93
C ASN A 645 23.21 1.09 -26.31
N HIS A 646 24.21 0.69 -27.09
CA HIS A 646 23.99 0.21 -28.45
C HIS A 646 23.31 -1.17 -28.50
N TRP A 647 23.74 -2.09 -27.64
CA TRP A 647 23.10 -3.41 -27.57
C TRP A 647 21.76 -3.38 -26.83
N VAL A 648 21.55 -2.35 -26.02
CA VAL A 648 20.27 -2.14 -25.36
C VAL A 648 19.23 -1.74 -26.41
N ASP A 649 19.59 -0.77 -27.26
CA ASP A 649 18.75 -0.34 -28.37
C ASP A 649 18.46 -1.47 -29.36
N PHE A 650 19.42 -2.40 -29.47
CA PHE A 650 19.31 -3.56 -30.38
C PHE A 650 18.33 -4.60 -29.87
N LEU A 651 18.42 -4.95 -28.60
CA LEU A 651 17.46 -5.83 -27.96
C LEU A 651 16.08 -5.18 -27.88
N ASP A 652 16.04 -3.89 -27.56
CA ASP A 652 14.83 -3.08 -27.58
C ASP A 652 14.08 -3.29 -28.91
N LYS A 653 14.77 -3.00 -30.02
CA LYS A 653 14.18 -3.08 -31.34
C LYS A 653 13.79 -4.51 -31.71
N PHE A 654 14.62 -5.47 -31.31
CA PHE A 654 14.37 -6.89 -31.57
C PHE A 654 13.09 -7.37 -30.89
N ALA A 655 12.95 -7.08 -29.60
CA ALA A 655 11.81 -7.53 -28.81
C ALA A 655 10.50 -6.95 -29.32
N ARG A 656 10.53 -5.68 -29.68
CA ARG A 656 9.35 -4.98 -30.19
C ARG A 656 8.99 -5.39 -31.62
N GLU A 657 10.00 -5.59 -32.46
CA GLU A 657 9.77 -5.87 -33.87
C GLU A 657 9.64 -7.36 -34.21
N ARG A 658 10.51 -8.18 -33.62
CA ARG A 658 10.56 -9.61 -33.96
C ARG A 658 9.78 -10.52 -33.00
N MET A 659 9.80 -10.21 -31.72
CA MET A 659 9.20 -11.09 -30.71
C MET A 659 7.72 -10.82 -30.48
N GLU A 660 7.39 -9.60 -30.05
CA GLU A 660 6.01 -9.24 -29.70
C GLU A 660 4.93 -9.60 -30.74
N PRO A 661 5.21 -9.46 -32.06
CA PRO A 661 4.24 -9.94 -33.06
C PRO A 661 4.02 -11.46 -33.05
N ALA A 662 5.04 -12.23 -32.70
CA ALA A 662 4.90 -13.69 -32.57
C ALA A 662 4.24 -14.04 -31.24
N ILE A 663 4.55 -13.25 -30.21
CA ILE A 663 3.92 -13.36 -28.90
C ILE A 663 2.44 -13.04 -28.98
N ASP A 664 2.08 -12.00 -29.75
CA ASP A 664 0.69 -11.64 -29.92
C ASP A 664 -0.04 -12.54 -30.93
N ARG A 665 0.74 -13.19 -31.80
CA ARG A 665 0.22 -14.27 -32.66
C ARG A 665 -0.16 -15.46 -31.79
N GLY A 666 0.69 -15.79 -30.83
CA GLY A 666 0.48 -16.93 -29.93
C GLY A 666 -0.70 -16.76 -29.00
N PHE A 667 -0.93 -15.54 -28.55
CA PHE A 667 -2.03 -15.26 -27.63
C PHE A 667 -3.38 -15.12 -28.33
N ARG A 668 -3.34 -14.79 -29.62
CA ARG A 668 -4.55 -14.75 -30.45
C ARG A 668 -5.07 -16.15 -30.73
N GLU A 669 -4.15 -17.10 -30.90
CA GLU A 669 -4.49 -18.50 -31.14
C GLU A 669 -5.10 -19.14 -29.90
N MET A 670 -4.50 -18.86 -28.75
CA MET A 670 -5.02 -19.32 -27.46
C MET A 670 -6.44 -18.83 -27.25
N CYS A 671 -6.70 -17.60 -27.68
CA CYS A 671 -8.03 -17.00 -27.69
C CYS A 671 -9.01 -17.81 -28.54
N GLU A 672 -8.59 -18.16 -29.76
CA GLU A 672 -9.38 -19.02 -30.67
C GLU A 672 -9.63 -20.39 -30.07
N TYR A 673 -8.57 -20.98 -29.51
CA TYR A 673 -8.62 -22.31 -28.91
C TYR A 673 -9.51 -22.36 -27.66
N MET A 674 -9.69 -21.21 -27.01
CA MET A 674 -10.56 -21.13 -25.84
C MET A 674 -11.92 -20.49 -26.16
N ASN A 675 -12.16 -20.27 -27.46
CA ASN A 675 -13.31 -19.51 -27.98
C ASN A 675 -13.72 -18.32 -27.09
N ASN A 676 -12.75 -17.50 -26.70
CA ASN A 676 -12.99 -16.36 -25.82
C ASN A 676 -13.81 -15.24 -26.46
N LYS A 677 -14.32 -14.34 -25.61
CA LYS A 677 -15.12 -13.21 -26.05
C LYS A 677 -14.27 -12.20 -26.82
N GLN A 678 -13.21 -11.74 -26.17
CA GLN A 678 -12.36 -10.68 -26.71
C GLN A 678 -10.91 -11.01 -26.43
N HIS A 679 -10.02 -10.72 -27.37
CA HIS A 679 -8.59 -10.91 -27.13
C HIS A 679 -8.00 -9.74 -26.36
N LEU A 680 -7.49 -10.02 -25.16
CA LEU A 680 -6.98 -8.98 -24.25
C LEU A 680 -5.71 -9.41 -23.50
N MET A 681 -5.02 -10.40 -24.05
CA MET A 681 -3.73 -10.83 -23.52
C MET A 681 -2.62 -10.07 -24.26
N PHE A 682 -2.31 -8.88 -23.75
CA PHE A 682 -1.27 -8.05 -24.34
C PHE A 682 0.01 -8.17 -23.51
N MET A 683 1.03 -8.76 -24.11
CA MET A 683 2.32 -8.92 -23.46
C MET A 683 3.38 -8.14 -24.23
N ASP A 684 3.74 -6.97 -23.68
CA ASP A 684 4.81 -6.16 -24.21
C ASP A 684 6.08 -6.49 -23.42
N ARG A 685 7.23 -6.04 -23.93
CA ARG A 685 8.51 -6.22 -23.24
C ARG A 685 8.57 -5.37 -21.97
N GLU A 686 9.25 -5.86 -20.94
CA GLU A 686 9.41 -5.11 -19.71
C GLU A 686 10.86 -4.65 -19.47
N ALA A 687 11.68 -5.49 -18.86
CA ALA A 687 13.05 -5.11 -18.49
C ALA A 687 14.10 -5.60 -19.47
N ILE A 688 15.18 -4.84 -19.62
CA ILE A 688 16.37 -5.27 -20.36
C ILE A 688 17.58 -5.25 -19.45
N ALA A 689 18.11 -6.44 -19.14
CA ALA A 689 19.20 -6.59 -18.19
C ALA A 689 20.48 -7.01 -18.88
N GLY A 690 21.62 -6.67 -18.27
CA GLY A 690 22.94 -7.07 -18.78
C GLY A 690 24.09 -6.34 -18.11
N PRO A 691 25.32 -6.85 -18.28
CA PRO A 691 26.50 -6.15 -17.77
C PRO A 691 26.79 -4.90 -18.60
N PRO A 692 27.56 -3.94 -18.04
CA PRO A 692 28.11 -2.89 -18.89
C PRO A 692 29.01 -3.48 -19.98
N LEU A 693 28.92 -2.96 -21.20
CA LEU A 693 29.71 -3.48 -22.33
C LEU A 693 31.20 -3.48 -21.99
N GLY A 694 31.83 -4.63 -22.15
CA GLY A 694 33.26 -4.79 -21.88
C GLY A 694 33.59 -4.65 -20.40
N SER A 695 32.67 -5.10 -19.55
CA SER A 695 32.91 -5.12 -18.12
C SER A 695 32.90 -6.55 -17.60
N LYS A 696 33.26 -6.70 -16.34
CA LYS A 696 33.44 -8.02 -15.75
C LYS A 696 32.17 -8.53 -15.07
N GLY A 697 31.19 -7.64 -14.90
CA GLY A 697 29.92 -7.97 -14.24
C GLY A 697 29.13 -9.06 -14.93
N ILE A 698 28.21 -9.69 -14.20
CA ILE A 698 27.51 -10.90 -14.68
C ILE A 698 26.10 -10.69 -15.23
N GLY A 699 25.61 -9.45 -15.18
CA GLY A 699 24.28 -9.13 -15.69
C GLY A 699 23.19 -9.35 -14.66
N GLY A 700 22.85 -10.61 -14.43
CA GLY A 700 21.82 -10.98 -13.45
C GLY A 700 22.00 -12.37 -12.88
N PHE A 701 21.33 -12.64 -11.76
CA PHE A 701 21.30 -14.00 -11.21
C PHE A 701 19.95 -14.40 -10.61
N TRP A 702 19.78 -15.70 -10.38
CA TRP A 702 18.62 -16.29 -9.73
C TRP A 702 19.09 -17.20 -8.61
N THR A 703 18.43 -17.15 -7.45
CA THR A 703 18.71 -18.09 -6.37
C THR A 703 17.55 -19.05 -6.19
N GLY A 704 16.62 -19.02 -7.14
CA GLY A 704 15.42 -19.85 -7.08
C GLY A 704 14.17 -19.01 -7.25
N LYS A 705 13.02 -19.63 -7.02
CA LYS A 705 11.72 -18.96 -7.18
C LYS A 705 11.62 -17.65 -6.40
N LYS A 706 11.02 -16.65 -7.02
CA LYS A 706 10.71 -15.35 -6.41
C LYS A 706 11.92 -14.63 -5.79
N ARG A 707 13.12 -15.06 -6.16
CA ARG A 707 14.34 -14.47 -5.64
C ARG A 707 15.38 -14.31 -6.75
N TYR A 708 15.72 -13.06 -7.05
CA TYR A 708 16.70 -12.74 -8.10
C TYR A 708 17.07 -11.24 -8.12
N ALA A 709 18.05 -10.91 -8.95
CA ALA A 709 18.46 -9.52 -9.16
C ALA A 709 18.87 -9.30 -10.61
N LEU A 710 18.66 -8.09 -11.11
CA LEU A 710 19.00 -7.76 -12.49
C LEU A 710 19.58 -6.36 -12.66
N ASN A 711 20.54 -6.23 -13.58
CA ASN A 711 21.06 -4.92 -13.99
C ASN A 711 20.27 -4.39 -15.17
N VAL A 712 19.25 -3.59 -14.87
CA VAL A 712 18.29 -3.14 -15.87
C VAL A 712 18.66 -1.77 -16.44
N TRP A 713 18.76 -1.70 -17.76
CA TRP A 713 19.06 -0.46 -18.47
C TRP A 713 17.78 0.23 -18.97
N ASP A 714 16.78 -0.58 -19.34
CA ASP A 714 15.52 -0.08 -19.87
C ASP A 714 14.34 -0.80 -19.21
N MET A 715 13.42 -0.02 -18.64
CA MET A 715 12.27 -0.56 -17.93
C MET A 715 10.95 -0.07 -18.55
N GLU A 716 10.45 -0.85 -19.49
CA GLU A 716 9.25 -0.55 -20.29
C GLU A 716 9.14 0.89 -20.82
N GLY A 717 10.15 1.30 -21.59
CA GLY A 717 10.17 2.62 -22.20
C GLY A 717 11.15 3.59 -21.57
N THR A 718 11.29 3.52 -20.25
CA THR A 718 12.22 4.37 -19.53
C THR A 718 13.63 3.84 -19.73
N ARG A 719 14.42 4.57 -20.53
CA ARG A 719 15.85 4.29 -20.66
C ARG A 719 16.59 5.02 -19.54
N TYR A 720 17.07 4.25 -18.57
CA TYR A 720 17.69 4.82 -17.38
C TYR A 720 19.00 5.54 -17.68
N ALA A 721 19.19 6.69 -17.05
CA ALA A 721 20.41 7.49 -17.18
C ALA A 721 21.57 6.76 -16.51
N GLU A 722 21.29 6.11 -15.40
CA GLU A 722 22.23 5.24 -14.72
C GLU A 722 21.60 3.85 -14.57
N PRO A 723 22.35 2.78 -14.89
CA PRO A 723 21.81 1.43 -14.77
C PRO A 723 21.22 1.20 -13.39
N LYS A 724 20.05 0.58 -13.35
CA LYS A 724 19.27 0.43 -12.13
C LYS A 724 19.07 -1.04 -11.80
N LEU A 725 19.24 -1.38 -10.53
CA LEU A 725 19.14 -2.77 -10.06
C LEU A 725 17.70 -3.16 -9.74
N LYS A 726 17.26 -4.28 -10.32
CA LYS A 726 15.98 -4.85 -9.96
C LYS A 726 16.21 -6.05 -9.06
N ILE A 727 15.91 -5.87 -7.78
CA ILE A 727 16.09 -6.94 -6.79
C ILE A 727 14.73 -7.35 -6.26
N MET A 728 14.41 -8.64 -6.40
CA MET A 728 13.13 -9.18 -5.98
C MET A 728 13.34 -10.31 -4.98
N GLY A 729 12.81 -10.14 -3.78
CA GLY A 729 12.79 -11.21 -2.80
C GLY A 729 14.04 -11.38 -1.95
N LEU A 730 15.17 -10.90 -2.44
CA LEU A 730 16.41 -10.97 -1.67
C LEU A 730 16.35 -10.07 -0.43
N GLU A 731 17.13 -10.41 0.59
CA GLU A 731 17.09 -9.76 1.90
C GLU A 731 17.22 -8.23 1.88
N THR A 732 17.60 -7.68 0.73
CA THR A 732 17.68 -6.24 0.54
C THR A 732 16.29 -5.59 0.48
N GLN A 733 15.30 -6.36 0.03
CA GLN A 733 13.93 -5.87 -0.11
C GLN A 733 13.05 -6.26 1.07
N LYS A 734 13.61 -7.05 1.98
CA LYS A 734 12.88 -7.49 3.16
C LYS A 734 13.07 -6.51 4.33
N SER A 735 11.95 -6.01 4.84
CA SER A 735 11.96 -5.01 5.91
C SER A 735 12.68 -5.47 7.17
N SER A 736 12.64 -6.79 7.43
CA SER A 736 13.25 -7.38 8.63
C SER A 736 14.76 -7.19 8.67
N THR A 737 15.39 -7.19 7.50
CA THR A 737 16.83 -7.03 7.36
C THR A 737 17.27 -5.63 7.80
N PRO A 738 18.34 -5.54 8.63
CA PRO A 738 18.90 -4.28 9.11
C PRO A 738 19.30 -3.33 7.98
N LYS A 739 19.12 -2.03 8.22
CA LYS A 739 19.35 -1.00 7.20
C LYS A 739 20.79 -1.01 6.67
N ALA A 740 21.74 -1.18 7.57
CA ALA A 740 23.15 -1.25 7.21
C ALA A 740 23.43 -2.46 6.33
N VAL A 741 22.77 -3.57 6.64
CA VAL A 741 22.94 -4.83 5.92
C VAL A 741 22.25 -4.77 4.55
N GLN A 742 21.05 -4.18 4.51
CA GLN A 742 20.33 -3.97 3.25
C GLN A 742 21.19 -3.17 2.27
N LYS A 743 21.79 -2.10 2.78
CA LYS A 743 22.64 -1.22 2.01
C LYS A 743 23.89 -1.96 1.52
N ALA A 744 24.51 -2.72 2.42
CA ALA A 744 25.75 -3.45 2.13
C ALA A 744 25.58 -4.49 1.03
N LEU A 745 24.60 -5.37 1.20
CA LEU A 745 24.32 -6.45 0.24
C LEU A 745 24.00 -5.87 -1.14
N LYS A 746 23.29 -4.76 -1.18
CA LYS A 746 22.89 -4.10 -2.43
C LYS A 746 24.10 -3.66 -3.24
N GLU A 747 25.12 -3.17 -2.54
CA GLU A 747 26.41 -2.85 -3.16
C GLU A 747 27.13 -4.13 -3.65
N CYS A 748 26.89 -5.24 -2.95
CA CYS A 748 27.43 -6.54 -3.35
C CYS A 748 26.79 -6.99 -4.65
N ILE A 749 25.46 -6.99 -4.69
CA ILE A 749 24.75 -7.30 -5.94
C ILE A 749 25.26 -6.37 -7.05
N ARG A 750 25.37 -5.08 -6.73
CA ARG A 750 25.83 -4.05 -7.69
C ARG A 750 27.15 -4.43 -8.33
N ARG A 751 28.10 -4.84 -7.50
CA ARG A 751 29.43 -5.19 -7.96
C ARG A 751 29.46 -6.52 -8.70
N MET A 752 28.60 -7.44 -8.28
CA MET A 752 28.45 -8.74 -8.95
C MET A 752 28.02 -8.56 -10.40
N LEU A 753 26.94 -7.82 -10.61
CA LEU A 753 26.32 -7.70 -11.93
C LEU A 753 27.02 -6.68 -12.82
N GLN A 754 27.80 -5.78 -12.22
CA GLN A 754 28.33 -4.64 -12.96
C GLN A 754 29.85 -4.61 -13.10
N GLU A 755 30.55 -5.23 -12.16
CA GLU A 755 31.99 -5.05 -12.04
C GLU A 755 32.81 -6.33 -11.96
N GLY A 756 32.16 -7.44 -11.64
CA GLY A 756 32.81 -8.76 -11.66
C GLY A 756 33.18 -9.35 -10.30
N GLU A 757 33.62 -10.60 -10.33
CA GLU A 757 34.03 -11.35 -9.12
C GLU A 757 35.06 -10.58 -8.31
N GLU A 758 36.08 -10.04 -8.99
CA GLU A 758 37.18 -9.30 -8.37
C GLU A 758 36.70 -8.10 -7.56
N SER A 759 35.69 -7.41 -8.07
CA SER A 759 35.11 -6.25 -7.38
C SER A 759 34.44 -6.63 -6.06
N LEU A 760 33.70 -7.74 -6.07
CA LEU A 760 33.00 -8.21 -4.88
C LEU A 760 33.98 -8.43 -3.73
N GLN A 761 35.07 -9.14 -4.04
CA GLN A 761 36.06 -9.54 -3.05
C GLN A 761 36.72 -8.37 -2.33
N GLU A 762 36.98 -7.30 -3.08
CA GLU A 762 37.59 -6.09 -2.54
C GLU A 762 36.68 -5.41 -1.51
N TYR A 763 35.39 -5.34 -1.85
CA TYR A 763 34.41 -4.66 -1.00
C TYR A 763 34.05 -5.48 0.24
N PHE A 764 34.05 -6.79 0.11
CA PHE A 764 33.67 -7.66 1.22
C PHE A 764 34.53 -7.47 2.48
N LYS A 765 35.83 -7.30 2.29
CA LYS A 765 36.76 -7.02 3.40
C LYS A 765 36.74 -5.55 3.81
N GLU A 766 36.27 -4.69 2.89
CA GLU A 766 36.07 -3.27 3.18
C GLU A 766 34.94 -3.11 4.18
N PHE A 767 33.93 -3.96 4.08
CA PHE A 767 32.75 -3.90 4.95
C PHE A 767 32.97 -4.63 6.28
N GLU A 768 33.57 -5.81 6.21
CA GLU A 768 33.81 -6.62 7.41
C GLU A 768 34.69 -5.87 8.41
N LYS A 769 35.49 -4.93 7.89
CA LYS A 769 36.34 -4.09 8.73
C LYS A 769 35.60 -2.91 9.35
N GLU A 770 34.56 -2.43 8.67
CA GLU A 770 33.76 -1.29 9.14
C GLU A 770 32.58 -1.70 10.02
N PHE A 771 32.23 -2.98 9.96
CA PHE A 771 30.99 -3.50 10.59
C PHE A 771 30.86 -3.23 12.09
N ARG A 772 31.89 -3.59 12.84
CA ARG A 772 31.88 -3.47 14.31
C ARG A 772 31.88 -2.03 14.83
N GLN A 773 31.95 -1.06 13.91
CA GLN A 773 31.98 0.36 14.25
C GLN A 773 30.66 1.07 13.91
N LEU A 774 29.67 0.31 13.42
CA LEU A 774 28.39 0.87 12.98
C LEU A 774 27.33 0.91 14.08
N ASN A 775 26.44 1.89 13.98
CA ASN A 775 25.33 2.09 14.93
C ASN A 775 24.46 0.85 15.08
N TYR A 776 24.06 0.56 16.32
CA TYR A 776 23.28 -0.65 16.61
C TYR A 776 21.92 -0.68 15.90
N ILE A 777 21.17 0.42 15.97
CA ILE A 777 19.87 0.49 15.31
C ILE A 777 19.93 0.08 13.83
N SER A 778 20.95 0.54 13.12
CA SER A 778 21.14 0.21 11.71
C SER A 778 21.42 -1.27 11.50
N ILE A 779 22.18 -1.86 12.41
CA ILE A 779 22.58 -3.29 12.30
C ILE A 779 21.67 -4.25 13.06
N ALA A 780 20.56 -3.75 13.59
CA ALA A 780 19.60 -4.56 14.33
C ALA A 780 18.50 -5.11 13.42
N SER A 781 18.10 -6.35 13.66
CA SER A 781 17.04 -6.98 12.88
C SER A 781 15.65 -6.55 13.34
N VAL A 782 14.66 -6.76 12.47
CA VAL A 782 13.27 -6.40 12.74
C VAL A 782 12.32 -7.58 12.55
N SER A 783 11.24 -7.61 13.33
CA SER A 783 10.16 -8.58 13.14
C SER A 783 8.90 -8.12 13.85
N SER A 784 7.75 -8.59 13.39
CA SER A 784 6.48 -8.26 14.03
C SER A 784 6.30 -9.10 15.28
N ALA A 785 5.58 -8.53 16.24
CA ALA A 785 5.35 -9.17 17.53
C ALA A 785 3.95 -9.75 17.64
N ASN A 786 3.73 -10.88 16.97
CA ASN A 786 2.48 -11.62 17.06
C ASN A 786 2.58 -12.76 18.08
N ASN A 787 1.48 -13.05 18.76
CA ASN A 787 1.35 -14.20 19.67
C ASN A 787 2.29 -14.21 20.88
N ILE A 788 2.73 -13.02 21.32
CA ILE A 788 3.61 -12.89 22.49
C ILE A 788 2.90 -13.37 23.76
N ALA A 789 1.57 -13.30 23.73
CA ALA A 789 0.73 -13.82 24.80
C ALA A 789 0.90 -15.34 24.95
N LYS A 790 0.79 -16.05 23.82
CA LYS A 790 0.88 -17.52 23.80
C LYS A 790 2.18 -18.04 24.43
N TYR A 791 3.32 -17.64 23.86
CA TYR A 791 4.61 -18.19 24.25
C TYR A 791 5.13 -17.71 25.61
N ASP A 792 4.31 -16.92 26.31
CA ASP A 792 4.65 -16.45 27.64
C ASP A 792 4.01 -17.34 28.72
N VAL A 793 4.88 -18.05 29.46
CA VAL A 793 4.44 -18.88 30.58
C VAL A 793 4.74 -18.19 31.92
N GLY A 794 4.23 -16.97 32.08
CA GLY A 794 4.54 -16.12 33.23
C GLY A 794 5.97 -15.63 33.18
N GLY A 795 6.43 -15.25 31.98
CA GLY A 795 7.83 -14.96 31.72
C GLY A 795 8.52 -16.15 31.07
N PHE A 796 9.65 -15.90 30.42
CA PHE A 796 10.52 -16.95 29.86
C PHE A 796 9.90 -17.68 28.64
N PRO A 797 10.76 -18.05 27.66
CA PRO A 797 10.29 -18.68 26.42
C PRO A 797 9.59 -20.02 26.63
N GLY A 798 8.45 -20.21 25.98
CA GLY A 798 7.70 -21.46 26.05
C GLY A 798 8.12 -22.46 25.01
N PRO A 799 7.37 -23.58 24.90
CA PRO A 799 7.67 -24.61 23.91
C PRO A 799 7.63 -24.07 22.48
N LYS A 800 8.74 -24.22 21.77
CA LYS A 800 8.89 -23.77 20.37
C LYS A 800 8.73 -22.26 20.20
N CYS A 801 9.28 -21.50 21.13
CA CYS A 801 9.16 -20.05 21.09
C CYS A 801 10.12 -19.45 20.07
N PRO A 802 9.57 -18.69 19.09
CA PRO A 802 10.35 -18.04 18.02
C PRO A 802 11.43 -17.12 18.56
N PHE A 803 12.44 -16.84 17.72
CA PHE A 803 13.62 -16.08 18.11
C PHE A 803 13.29 -14.69 18.64
N HIS A 804 12.39 -13.99 17.95
CA HIS A 804 12.05 -12.61 18.30
C HIS A 804 11.22 -12.49 19.57
N ILE A 805 10.23 -13.37 19.72
CA ILE A 805 9.41 -13.39 20.92
C ILE A 805 10.28 -13.71 22.13
N ARG A 806 11.15 -14.72 21.99
CA ARG A 806 12.19 -14.99 22.97
C ARG A 806 12.87 -13.70 23.42
N GLY A 807 13.23 -12.86 22.45
CA GLY A 807 13.87 -11.57 22.70
C GLY A 807 12.98 -10.60 23.46
N ILE A 808 11.69 -10.62 23.15
CA ILE A 808 10.72 -9.75 23.84
C ILE A 808 10.54 -10.20 25.29
N LEU A 809 10.42 -11.51 25.49
CA LEU A 809 10.26 -12.05 26.82
C LEU A 809 11.48 -11.79 27.70
N THR A 810 12.58 -11.40 27.05
CA THR A 810 13.79 -10.95 27.74
C THR A 810 13.58 -9.52 28.23
N TYR A 811 13.03 -8.69 27.35
CA TYR A 811 12.76 -7.28 27.62
C TYR A 811 11.86 -7.07 28.83
N ASN A 812 10.79 -7.87 28.91
CA ASN A 812 9.80 -7.75 29.99
C ASN A 812 10.38 -7.93 31.38
N ARG A 813 11.34 -8.84 31.50
CA ARG A 813 12.04 -9.10 32.76
C ARG A 813 13.01 -7.98 33.10
N ALA A 814 13.61 -7.39 32.06
CA ALA A 814 14.57 -6.30 32.21
C ALA A 814 13.91 -5.00 32.67
N ILE A 815 12.68 -4.77 32.20
CA ILE A 815 11.94 -3.56 32.57
C ILE A 815 10.91 -3.82 33.69
N LYS A 816 11.08 -4.93 34.39
CA LYS A 816 10.28 -5.26 35.57
C LYS A 816 10.62 -4.29 36.70
N GLY A 817 9.82 -3.23 36.83
CA GLY A 817 10.05 -2.18 37.83
C GLY A 817 10.08 -0.79 37.23
N ASN A 818 10.70 -0.66 36.06
CA ASN A 818 10.84 0.62 35.37
C ASN A 818 9.60 1.06 34.60
N ILE A 819 8.99 2.15 35.05
CA ILE A 819 7.79 2.70 34.42
C ILE A 819 8.09 3.58 33.20
N ASP A 820 9.26 4.22 33.21
CA ASP A 820 9.68 5.08 32.10
C ASP A 820 10.27 4.28 30.93
N ALA A 821 9.74 3.08 30.72
CA ALA A 821 10.14 2.22 29.63
C ALA A 821 8.95 1.96 28.70
N PRO A 822 9.17 2.00 27.38
CA PRO A 822 8.09 1.76 26.43
C PRO A 822 7.65 0.31 26.41
N GLN A 823 6.34 0.08 26.36
CA GLN A 823 5.79 -1.27 26.39
C GLN A 823 5.70 -1.87 24.98
N VAL A 824 5.99 -3.16 24.88
CA VAL A 824 5.92 -3.87 23.61
C VAL A 824 4.48 -4.20 23.24
N VAL A 825 3.93 -3.46 22.29
CA VAL A 825 2.54 -3.64 21.88
C VAL A 825 2.37 -4.86 20.99
N GLU A 826 1.40 -5.70 21.32
CA GLU A 826 1.03 -6.86 20.51
C GLU A 826 0.60 -6.39 19.13
N GLY A 827 1.32 -6.86 18.11
CA GLY A 827 1.06 -6.44 16.73
C GLY A 827 2.10 -5.46 16.21
N GLU A 828 2.67 -4.68 17.12
CA GLU A 828 3.74 -3.73 16.78
C GLU A 828 5.02 -4.42 16.33
N LYS A 829 5.95 -3.62 15.80
CA LYS A 829 7.21 -4.14 15.29
C LYS A 829 8.35 -3.87 16.25
N VAL A 830 9.30 -4.80 16.32
CA VAL A 830 10.42 -4.71 17.29
C VAL A 830 11.79 -4.95 16.66
N TYR A 831 12.82 -4.36 17.25
CA TYR A 831 14.20 -4.66 16.89
C TYR A 831 14.72 -5.86 17.68
N VAL A 832 15.47 -6.73 17.00
CA VAL A 832 16.02 -7.93 17.61
C VAL A 832 17.54 -7.96 17.52
N LEU A 833 18.21 -8.14 18.65
CA LEU A 833 19.67 -8.24 18.73
C LEU A 833 20.13 -9.46 19.53
N PRO A 834 21.06 -10.26 18.96
CA PRO A 834 21.60 -11.44 19.65
C PRO A 834 22.73 -11.10 20.63
N LEU A 835 22.55 -11.52 21.88
CA LEU A 835 23.58 -11.36 22.91
C LEU A 835 24.58 -12.51 22.85
N ARG A 836 25.67 -12.39 23.61
CA ARG A 836 26.60 -13.49 23.80
C ARG A 836 26.20 -14.29 25.03
N GLU A 837 26.53 -15.58 25.03
CA GLU A 837 26.28 -16.47 26.17
C GLU A 837 26.88 -15.89 27.45
N GLY A 838 26.13 -15.99 28.55
CA GLY A 838 26.57 -15.47 29.84
C GLY A 838 26.40 -13.96 29.92
N ASN A 839 25.16 -13.52 30.08
CA ASN A 839 24.83 -12.10 30.13
C ASN A 839 23.79 -11.82 31.22
N PRO A 840 23.68 -10.54 31.67
CA PRO A 840 22.73 -10.18 32.72
C PRO A 840 21.25 -10.34 32.34
N PHE A 841 20.99 -10.73 31.10
CA PHE A 841 19.63 -10.89 30.60
C PHE A 841 19.16 -12.35 30.65
N GLY A 842 20.11 -13.26 30.80
CA GLY A 842 19.85 -14.69 30.96
C GLY A 842 19.22 -15.36 29.74
N ASP A 843 19.49 -14.81 28.55
CA ASP A 843 18.93 -15.35 27.31
C ASP A 843 19.84 -15.09 26.10
N LYS A 844 19.47 -15.68 24.95
CA LYS A 844 20.28 -15.59 23.73
C LYS A 844 20.04 -14.34 22.86
N CYS A 845 18.95 -13.62 23.13
CA CYS A 845 18.63 -12.38 22.42
C CYS A 845 17.61 -11.52 23.16
N ILE A 846 17.55 -10.23 22.79
CA ILE A 846 16.61 -9.28 23.35
C ILE A 846 15.90 -8.51 22.23
N ALA A 847 14.72 -7.97 22.53
CA ALA A 847 13.95 -7.20 21.54
C ALA A 847 13.17 -6.05 22.18
N TRP A 848 13.04 -4.94 21.45
CA TRP A 848 12.35 -3.74 21.92
C TRP A 848 11.66 -3.00 20.78
N PRO A 849 10.65 -2.14 21.09
CA PRO A 849 9.83 -1.48 20.05
C PRO A 849 10.64 -0.80 18.96
N SER A 850 10.14 -0.89 17.72
CA SER A 850 10.82 -0.31 16.56
C SER A 850 10.68 1.20 16.52
N GLY A 851 11.69 1.87 15.97
CA GLY A 851 11.74 3.33 15.92
C GLY A 851 12.48 3.90 17.11
N THR A 852 12.04 3.52 18.30
CA THR A 852 12.56 4.05 19.56
C THR A 852 13.94 3.50 19.89
N GLU A 853 14.81 4.38 20.37
CA GLU A 853 16.08 3.97 20.98
C GLU A 853 15.75 3.18 22.25
N ILE A 854 16.50 2.11 22.47
CA ILE A 854 16.27 1.23 23.62
C ILE A 854 16.55 1.98 24.93
N THR A 855 15.62 1.89 25.88
CA THR A 855 15.63 2.69 27.11
C THR A 855 16.99 2.74 27.83
N ASP A 856 17.32 3.94 28.33
CA ASP A 856 18.62 4.25 28.94
C ASP A 856 19.16 3.19 29.88
N LEU A 857 18.26 2.62 30.68
CA LEU A 857 18.62 1.75 31.80
C LEU A 857 19.24 0.41 31.39
N ILE A 858 19.02 0.00 30.13
CA ILE A 858 19.56 -1.26 29.63
C ILE A 858 20.45 -1.07 28.40
N LYS A 859 20.30 0.07 27.72
CA LYS A 859 21.06 0.39 26.50
C LYS A 859 22.54 0.06 26.59
N ASP A 860 23.20 0.51 27.67
CA ASP A 860 24.61 0.24 27.87
C ASP A 860 24.89 -1.25 27.95
N ASP A 861 24.03 -1.98 28.66
CA ASP A 861 24.18 -3.42 28.88
C ASP A 861 23.93 -4.26 27.63
N VAL A 862 23.23 -3.68 26.64
CA VAL A 862 22.97 -4.35 25.38
C VAL A 862 24.22 -4.35 24.49
N LEU A 863 24.77 -3.15 24.28
CA LEU A 863 26.00 -2.97 23.49
C LEU A 863 27.18 -3.64 24.19
N HIS A 864 27.06 -3.83 25.49
CA HIS A 864 28.07 -4.48 26.31
C HIS A 864 28.15 -5.99 26.04
N TRP A 865 27.12 -6.53 25.40
CA TRP A 865 27.02 -7.98 25.18
C TRP A 865 26.56 -8.40 23.78
N MET A 866 26.37 -7.43 22.89
CA MET A 866 25.99 -7.71 21.51
C MET A 866 26.94 -8.68 20.83
N ASP A 867 26.39 -9.71 20.20
CA ASP A 867 27.20 -10.68 19.46
C ASP A 867 27.29 -10.28 17.99
N TYR A 868 28.35 -9.53 17.67
CA TYR A 868 28.57 -9.02 16.32
C TYR A 868 28.93 -10.14 15.35
N THR A 869 29.78 -11.05 15.78
CA THR A 869 30.24 -12.16 14.94
C THR A 869 29.06 -13.02 14.47
N VAL A 870 28.07 -13.19 15.34
CA VAL A 870 26.84 -13.92 15.02
C VAL A 870 25.92 -13.07 14.15
N LEU A 871 25.77 -11.79 14.52
CA LEU A 871 24.90 -10.87 13.79
C LEU A 871 25.36 -10.71 12.34
N LEU A 872 26.67 -10.65 12.13
CA LEU A 872 27.25 -10.55 10.80
C LEU A 872 27.04 -11.83 9.99
N GLU A 873 27.25 -12.98 10.62
CA GLU A 873 27.08 -14.28 9.97
C GLU A 873 25.62 -14.58 9.61
N LYS A 874 24.71 -14.16 10.49
CA LYS A 874 23.28 -14.40 10.32
C LYS A 874 22.66 -13.53 9.23
N THR A 875 22.84 -12.22 9.36
CA THR A 875 22.19 -11.25 8.48
C THR A 875 22.94 -11.04 7.18
N PHE A 876 24.25 -10.85 7.26
CA PHE A 876 25.05 -10.50 6.08
C PHE A 876 25.57 -11.71 5.31
N ILE A 877 26.28 -12.59 6.01
CA ILE A 877 27.06 -13.66 5.35
C ILE A 877 26.21 -14.75 4.70
N LYS A 878 25.33 -15.38 5.49
CA LYS A 878 24.48 -16.46 4.99
C LYS A 878 23.67 -16.12 3.72
N PRO A 879 23.05 -14.92 3.67
CA PRO A 879 22.36 -14.55 2.43
C PRO A 879 23.28 -14.33 1.23
N LEU A 880 24.46 -13.78 1.46
CA LEU A 880 25.43 -13.53 0.40
C LEU A 880 26.01 -14.85 -0.13
N GLU A 881 26.22 -15.80 0.79
CA GLU A 881 26.61 -17.16 0.43
C GLU A 881 25.55 -17.76 -0.50
N GLY A 882 24.29 -17.45 -0.20
CA GLY A 882 23.17 -17.82 -1.06
C GLY A 882 23.31 -17.23 -2.45
N PHE A 883 23.67 -15.95 -2.53
CA PHE A 883 23.83 -15.26 -3.81
C PHE A 883 24.94 -15.87 -4.65
N THR A 884 26.13 -15.97 -4.06
CA THR A 884 27.33 -16.37 -4.78
C THR A 884 27.35 -17.83 -5.20
N SER A 885 26.80 -18.71 -4.36
CA SER A 885 26.72 -20.14 -4.67
C SER A 885 25.75 -20.40 -5.82
N ALA A 886 24.78 -19.51 -5.96
CA ALA A 886 23.80 -19.61 -7.04
C ALA A 886 24.22 -18.77 -8.24
N ALA A 887 25.43 -18.20 -8.19
CA ALA A 887 25.93 -17.36 -9.26
C ALA A 887 27.29 -17.83 -9.78
N LYS A 888 27.81 -18.90 -9.18
CA LYS A 888 29.14 -19.42 -9.48
C LYS A 888 30.19 -18.33 -9.21
N LEU A 889 30.22 -17.85 -7.97
CA LEU A 889 31.16 -16.82 -7.53
C LEU A 889 31.66 -17.08 -6.11
N ASP A 890 32.76 -16.43 -5.75
CA ASP A 890 33.31 -16.48 -4.39
C ASP A 890 33.51 -15.06 -3.86
N TYR A 891 33.00 -14.80 -2.66
CA TYR A 891 33.09 -13.46 -2.05
C TYR A 891 34.41 -13.21 -1.33
N GLU A 892 34.93 -14.24 -0.67
CA GLU A 892 36.21 -14.18 0.01
C GLU A 892 37.12 -15.20 -0.65
N LYS A 893 38.23 -14.73 -1.22
CA LYS A 893 39.14 -15.60 -1.97
C LYS A 893 39.69 -16.72 -1.10
N LYS A 894 39.64 -17.94 -1.64
CA LYS A 894 40.03 -19.15 -0.94
C LYS A 894 41.42 -19.05 -0.28
N ALA A 895 41.44 -19.25 1.04
CA ALA A 895 42.68 -19.22 1.80
C ALA A 895 43.39 -20.57 1.78
N SER A 896 42.65 -21.62 1.44
CA SER A 896 43.18 -22.98 1.36
C SER A 896 44.17 -23.16 0.21
N LEU A 897 44.90 -24.28 0.24
CA LEU A 897 45.85 -24.67 -0.81
C LEU A 897 46.64 -23.51 -1.42
#